data_5TNR
#
_entry.id   5TNR
#
_cell.length_a   83.846
_cell.length_b   168.912
_cell.length_c   176.424
_cell.angle_alpha   90.00
_cell.angle_beta   90.00
_cell.angle_gamma   90.00
#
_symmetry.space_group_name_H-M   'C 2 2 21'
#
loop_
_entity.id
_entity.type
_entity.pdbx_description
1 polymer 'CFTR inhibitory factor'
2 non-polymer '(4Z,7Z,10Z,13Z,16R,17R,19Z)-16,17-dihydroxydocosa-4,7,10,13,19-pentaenoic acid'
3 water water
#
_entity_poly.entity_id   1
_entity_poly.type   'polypeptide(L)'
_entity_poly.pdbx_seq_one_letter_code
;AEEFPVPNGFESAYREVDGVKLHYVKGGQGPLVMLVHGFGQTWYEWHQLMPELAKRFTVIAPDLPGLGQSEPPKTGYSGE
QVAVYLHKLARQFSPDRPFDLVAHDIGIWNTYPMVVKNQADIARLVYMQAPIPDARIYRFPAFTAQGESLVWHFSFFAAD
DRLAETLIAGKERFFLEHFIKSHASNTEVFSERLLDLYARSYAKPHSLNASFEYYRALNESVRQNAELAKTRLQMPTMTL
AGGGHGGMGTFQLEQMKAYAEDVEGHVLPGCGHWLPEECAAPMNRLVIDFLSRGRHHHHHH
;
_entity_poly.pdbx_strand_id   C,D,A,B
#
loop_
_chem_comp.id
_chem_comp.type
_chem_comp.name
_chem_comp.formula
7EZ non-polymer '(4Z,7Z,10Z,13Z,16R,17R,19Z)-16,17-dihydroxydocosa-4,7,10,13,19-pentaenoic acid' 'C22 H34 O4'
#
# COMPACT_ATOMS: atom_id res chain seq x y z
N ALA A 1 9.26 30.64 8.84
CA ALA A 1 8.42 29.54 8.38
C ALA A 1 9.15 28.21 8.48
N GLU A 2 8.48 27.21 9.06
CA GLU A 2 9.03 25.88 9.21
C GLU A 2 8.23 24.90 8.38
N GLU A 3 8.93 24.03 7.65
CA GLU A 3 8.25 23.02 6.84
C GLU A 3 7.62 21.93 7.70
N PHE A 4 8.18 21.66 8.87
CA PHE A 4 7.74 20.59 9.76
C PHE A 4 7.76 21.07 11.21
N PRO A 5 6.88 20.55 12.05
CA PRO A 5 6.81 21.02 13.44
C PRO A 5 8.02 20.55 14.25
N VAL A 6 8.67 21.49 14.92
CA VAL A 6 9.84 21.19 15.74
C VAL A 6 9.35 20.57 17.04
N PRO A 7 9.97 19.49 17.53
CA PRO A 7 9.54 18.93 18.83
C PRO A 7 9.81 19.92 19.95
N ASN A 8 9.06 19.75 21.03
CA ASN A 8 9.23 20.60 22.20
C ASN A 8 10.64 20.47 22.74
N GLY A 9 11.26 21.61 23.06
CA GLY A 9 12.61 21.62 23.56
C GLY A 9 13.70 21.56 22.51
N PHE A 10 13.35 21.54 21.23
CA PHE A 10 14.31 21.58 20.15
C PHE A 10 14.27 22.93 19.47
N GLU A 11 15.35 23.28 18.76
CA GLU A 11 15.42 24.51 18.00
C GLU A 11 15.68 24.19 16.53
N SER A 12 15.03 24.95 15.65
CA SER A 12 15.34 24.95 14.23
C SER A 12 16.33 26.06 13.97
N ALA A 13 17.45 25.75 13.30
CA ALA A 13 18.50 26.73 13.10
C ALA A 13 19.22 26.46 11.80
N TYR A 14 20.16 27.33 11.45
CA TYR A 14 20.93 27.20 10.24
C TYR A 14 22.41 27.40 10.54
N ARG A 15 23.26 26.72 9.79
CA ARG A 15 24.68 27.00 9.88
C ARG A 15 25.30 26.98 8.50
N GLU A 16 26.08 28.02 8.20
CA GLU A 16 26.81 28.10 6.95
C GLU A 16 28.03 27.19 7.03
N VAL A 17 28.15 26.25 6.10
CA VAL A 17 29.29 25.34 6.04
C VAL A 17 29.83 25.37 4.62
N ASP A 18 31.08 25.83 4.47
CA ASP A 18 31.71 25.95 3.16
C ASP A 18 30.80 26.67 2.17
N GLY A 19 30.22 27.78 2.61
CA GLY A 19 29.37 28.60 1.75
C GLY A 19 27.99 28.08 1.47
N VAL A 20 27.56 27.03 2.17
CA VAL A 20 26.24 26.42 1.99
C VAL A 20 25.50 26.52 3.30
N LYS A 21 24.32 27.13 3.29
CA LYS A 21 23.50 27.27 4.50
C LYS A 21 22.72 26.00 4.73
N LEU A 22 23.07 25.25 5.77
CA LEU A 22 22.38 24.02 6.12
C LEU A 22 21.35 24.26 7.21
N HIS A 23 20.17 23.67 7.05
CA HIS A 23 19.16 23.69 8.09
C HIS A 23 19.33 22.46 8.98
N TYR A 24 19.02 22.63 10.27
CA TYR A 24 19.05 21.49 11.19
C TYR A 24 18.10 21.77 12.34
N VAL A 25 17.74 20.70 13.05
CA VAL A 25 16.98 20.76 14.28
C VAL A 25 17.84 20.13 15.36
N LYS A 26 17.96 20.81 16.52
CA LYS A 26 18.93 20.43 17.54
C LYS A 26 18.30 20.49 18.92
N GLY A 27 18.65 19.52 19.76
CA GLY A 27 18.18 19.51 21.14
C GLY A 27 19.00 18.58 22.00
N GLY A 28 18.77 18.68 23.30
CA GLY A 28 19.41 17.79 24.24
C GLY A 28 20.76 18.28 24.73
N GLN A 29 21.37 17.43 25.55
CA GLN A 29 22.64 17.71 26.21
C GLN A 29 23.45 16.42 26.24
N GLY A 30 24.77 16.55 26.22
CA GLY A 30 25.63 15.39 26.25
C GLY A 30 26.37 15.20 24.94
N PRO A 31 26.99 14.01 24.77
CA PRO A 31 27.72 13.74 23.53
C PRO A 31 26.80 13.84 22.32
N LEU A 32 27.38 14.22 21.19
CA LEU A 32 26.60 14.52 19.99
C LEU A 32 26.24 13.26 19.21
N VAL A 33 24.98 13.20 18.78
CA VAL A 33 24.53 12.23 17.78
CA VAL A 33 24.55 12.23 17.77
C VAL A 33 23.91 13.00 16.62
N MET A 34 24.35 12.70 15.40
CA MET A 34 23.81 13.30 14.20
C MET A 34 22.98 12.27 13.46
N LEU A 35 21.75 12.65 13.09
CA LEU A 35 20.81 11.77 12.38
C LEU A 35 20.62 12.32 10.97
N VAL A 36 20.82 11.48 9.95
CA VAL A 36 20.83 11.94 8.57
C VAL A 36 19.76 11.20 7.77
N HIS A 37 18.78 11.95 7.26
CA HIS A 37 17.60 11.42 6.61
C HIS A 37 17.93 10.96 5.18
N GLY A 38 16.93 10.43 4.50
CA GLY A 38 17.13 10.00 3.12
C GLY A 38 16.14 10.56 2.11
N PHE A 39 16.03 9.91 0.97
CA PHE A 39 15.27 10.45 -0.15
C PHE A 39 13.76 10.48 0.15
N GLY A 40 13.10 11.54 -0.33
CA GLY A 40 11.69 11.73 -0.08
C GLY A 40 11.36 12.31 1.27
N GLN A 41 12.35 12.49 2.16
CA GLN A 41 12.05 12.97 3.49
C GLN A 41 13.02 14.07 3.89
N THR A 42 13.04 14.39 5.19
CA THR A 42 13.81 15.49 5.75
C THR A 42 14.21 15.06 7.15
N TRP A 43 14.75 16.01 7.93
CA TRP A 43 15.05 15.78 9.33
C TRP A 43 13.85 15.20 10.06
N TYR A 44 12.64 15.49 9.58
CA TYR A 44 11.43 15.17 10.31
C TYR A 44 11.19 13.68 10.45
N GLU A 45 11.80 12.83 9.62
CA GLU A 45 11.60 11.40 9.84
C GLU A 45 12.10 10.96 11.22
N TRP A 46 12.98 11.75 11.84
CA TRP A 46 13.59 11.42 13.12
C TRP A 46 12.84 11.99 14.31
N HIS A 47 11.71 12.69 14.09
CA HIS A 47 11.17 13.54 15.14
C HIS A 47 10.59 12.76 16.32
N GLN A 48 10.30 11.48 16.15
CA GLN A 48 9.87 10.67 17.30
C GLN A 48 11.04 10.10 18.06
N LEU A 49 12.15 9.83 17.38
CA LEU A 49 13.34 9.31 18.03
C LEU A 49 14.11 10.41 18.77
N MET A 50 14.05 11.65 18.26
CA MET A 50 14.88 12.73 18.79
C MET A 50 14.63 13.04 20.26
N PRO A 51 13.38 13.18 20.74
CA PRO A 51 13.20 13.47 22.18
C PRO A 51 13.73 12.39 23.09
N GLU A 52 13.64 11.12 22.67
CA GLU A 52 14.16 10.01 23.46
C GLU A 52 15.67 10.07 23.54
N LEU A 53 16.34 10.24 22.39
CA LEU A 53 17.79 10.39 22.38
C LEU A 53 18.23 11.61 23.16
N ALA A 54 17.47 12.71 23.07
CA ALA A 54 17.87 13.96 23.71
C ALA A 54 17.88 13.88 25.22
N LYS A 55 17.31 12.80 25.81
CA LYS A 55 17.42 12.64 27.25
C LYS A 55 18.84 12.37 27.70
N ARG A 56 19.72 11.87 26.82
CA ARG A 56 21.10 11.67 27.23
C ARG A 56 22.12 12.06 26.17
N PHE A 57 21.70 12.55 25.01
CA PHE A 57 22.62 13.01 23.97
C PHE A 57 22.23 14.41 23.51
N THR A 58 23.22 15.13 22.99
CA THR A 58 22.93 16.26 22.13
C THR A 58 22.61 15.71 20.74
N VAL A 59 21.46 16.10 20.19
CA VAL A 59 20.98 15.51 18.95
C VAL A 59 20.87 16.60 17.89
N ILE A 60 21.42 16.34 16.71
N ILE A 60 21.41 16.33 16.69
CA ILE A 60 21.28 17.24 15.57
CA ILE A 60 21.28 17.25 15.56
C ILE A 60 20.77 16.45 14.38
C ILE A 60 20.78 16.46 14.37
N ALA A 61 19.77 16.99 13.69
CA ALA A 61 19.19 16.36 12.52
C ALA A 61 19.21 17.40 11.40
N PRO A 62 20.17 17.33 10.49
CA PRO A 62 20.21 18.29 9.38
C PRO A 62 19.34 17.86 8.21
N ASP A 63 19.01 18.85 7.37
CA ASP A 63 18.48 18.56 6.05
C ASP A 63 19.64 18.43 5.08
N LEU A 64 19.64 17.35 4.30
CA LEU A 64 20.66 17.13 3.27
C LEU A 64 20.71 18.32 2.31
N PRO A 65 21.89 18.63 1.76
CA PRO A 65 22.00 19.79 0.87
C PRO A 65 20.97 19.73 -0.25
N GLY A 66 20.24 20.85 -0.42
CA GLY A 66 19.21 20.97 -1.43
C GLY A 66 17.84 20.48 -0.99
N LEU A 67 17.76 19.70 0.08
CA LEU A 67 16.50 19.11 0.54
C LEU A 67 16.05 19.79 1.83
N GLY A 68 14.79 19.60 2.19
CA GLY A 68 14.26 20.32 3.34
C GLY A 68 14.53 21.80 3.18
N GLN A 69 15.07 22.43 4.22
CA GLN A 69 15.39 23.86 4.19
C GLN A 69 16.88 24.14 4.04
N SER A 70 17.66 23.18 3.54
CA SER A 70 19.08 23.35 3.28
C SER A 70 19.33 23.77 1.84
N GLU A 71 20.30 24.67 1.66
CA GLU A 71 20.74 25.10 0.33
C GLU A 71 21.44 23.94 -0.41
N PRO A 72 21.39 23.95 -1.75
CA PRO A 72 22.09 22.92 -2.52
C PRO A 72 23.58 23.00 -2.30
N PRO A 73 24.30 21.90 -2.53
CA PRO A 73 25.75 21.93 -2.40
C PRO A 73 26.34 22.79 -3.49
N LYS A 74 27.46 23.42 -3.17
CA LYS A 74 28.21 24.19 -4.15
C LYS A 74 29.21 23.33 -4.92
N THR A 75 29.71 22.25 -4.32
CA THR A 75 30.69 21.40 -4.99
C THR A 75 29.97 20.39 -5.90
N GLY A 76 29.23 19.46 -5.30
CA GLY A 76 28.50 18.48 -6.06
C GLY A 76 27.75 17.55 -5.13
N TYR A 77 27.14 16.53 -5.73
CA TYR A 77 26.22 15.63 -5.04
C TYR A 77 26.79 14.23 -4.82
N SER A 78 28.03 13.98 -5.19
CA SER A 78 28.64 12.68 -4.90
C SER A 78 28.79 12.51 -3.39
N GLY A 79 28.91 11.24 -2.97
CA GLY A 79 28.96 10.96 -1.54
C GLY A 79 30.11 11.66 -0.85
N GLU A 80 31.27 11.71 -1.51
CA GLU A 80 32.43 12.33 -0.89
C GLU A 80 32.27 13.83 -0.77
N GLN A 81 31.64 14.47 -1.77
CA GLN A 81 31.45 15.92 -1.71
C GLN A 81 30.44 16.30 -0.63
N VAL A 82 29.29 15.62 -0.60
CA VAL A 82 28.28 15.96 0.39
C VAL A 82 28.78 15.64 1.79
N ALA A 83 29.55 14.55 1.93
CA ALA A 83 30.00 14.14 3.25
C ALA A 83 30.83 15.23 3.93
N VAL A 84 31.54 16.04 3.14
CA VAL A 84 32.31 17.13 3.71
C VAL A 84 31.41 18.07 4.50
N TYR A 85 30.28 18.46 3.90
CA TYR A 85 29.38 19.39 4.58
C TYR A 85 28.90 18.80 5.90
N LEU A 86 28.46 17.53 5.88
CA LEU A 86 27.91 16.93 7.08
C LEU A 86 28.97 16.73 8.16
N HIS A 87 30.19 16.36 7.75
CA HIS A 87 31.26 16.18 8.73
C HIS A 87 31.64 17.50 9.39
N LYS A 88 31.80 18.56 8.59
CA LYS A 88 32.11 19.86 9.17
C LYS A 88 30.99 20.37 10.05
N LEU A 89 29.73 20.13 9.66
CA LEU A 89 28.61 20.56 10.50
C LEU A 89 28.70 19.89 11.87
N ALA A 90 28.86 18.57 11.90
CA ALA A 90 28.95 17.86 13.17
C ALA A 90 30.11 18.37 14.00
N ARG A 91 31.25 18.63 13.36
CA ARG A 91 32.42 19.05 14.11
C ARG A 91 32.32 20.47 14.62
N GLN A 92 31.41 21.29 14.08
CA GLN A 92 31.16 22.59 14.71
C GLN A 92 30.61 22.41 16.12
N PHE A 93 29.82 21.36 16.34
CA PHE A 93 29.17 21.12 17.62
C PHE A 93 29.92 20.12 18.50
N SER A 94 30.76 19.29 17.90
CA SER A 94 31.60 18.36 18.66
C SER A 94 33.04 18.49 18.17
N PRO A 95 33.68 19.64 18.42
CA PRO A 95 35.02 19.86 17.85
C PRO A 95 36.11 19.07 18.55
N ASP A 96 35.88 18.59 19.77
CA ASP A 96 36.92 17.97 20.57
C ASP A 96 36.61 16.54 20.99
N ARG A 97 35.53 15.96 20.48
CA ARG A 97 35.13 14.62 20.90
C ARG A 97 34.50 13.92 19.71
N PRO A 98 34.58 12.59 19.66
CA PRO A 98 33.83 11.85 18.63
C PRO A 98 32.33 12.00 18.83
N PHE A 99 31.59 11.89 17.72
CA PHE A 99 30.14 11.91 17.72
C PHE A 99 29.60 10.61 17.13
N ASP A 100 28.32 10.33 17.42
CA ASP A 100 27.63 9.17 16.85
C ASP A 100 26.88 9.57 15.58
N LEU A 101 26.65 8.58 14.72
CA LEU A 101 26.00 8.84 13.44
C LEU A 101 24.93 7.80 13.18
N VAL A 102 23.71 8.27 12.86
CA VAL A 102 22.62 7.42 12.39
C VAL A 102 22.23 7.92 11.00
N ALA A 103 22.11 6.99 10.04
CA ALA A 103 21.78 7.42 8.68
C ALA A 103 20.83 6.42 8.01
N HIS A 104 19.95 6.96 7.18
CA HIS A 104 18.89 6.20 6.52
C HIS A 104 18.94 6.47 5.02
N ASP A 105 18.87 5.42 4.19
CA ASP A 105 18.71 5.57 2.74
C ASP A 105 19.90 6.37 2.22
N ILE A 106 19.71 7.43 1.41
CA ILE A 106 20.88 8.11 0.85
C ILE A 106 21.68 8.86 1.91
N GLY A 107 21.16 8.95 3.15
CA GLY A 107 21.99 9.42 4.24
C GLY A 107 23.25 8.60 4.40
N ILE A 108 23.18 7.31 4.08
CA ILE A 108 24.36 6.45 4.09
C ILE A 108 25.34 6.89 3.01
N TRP A 109 24.84 7.09 1.80
CA TRP A 109 25.70 7.51 0.70
C TRP A 109 26.44 8.77 1.04
N ASN A 110 25.78 9.68 1.75
CA ASN A 110 26.30 11.01 2.01
C ASN A 110 27.12 11.10 3.28
N THR A 111 27.30 9.99 3.99
CA THR A 111 28.12 9.95 5.19
C THR A 111 29.26 8.94 5.14
N TYR A 112 29.11 7.81 4.43
CA TYR A 112 30.17 6.81 4.43
C TYR A 112 31.55 7.40 4.17
N PRO A 113 31.76 8.25 3.15
CA PRO A 113 33.13 8.77 2.92
C PRO A 113 33.70 9.52 4.11
N MET A 114 32.91 10.30 4.83
CA MET A 114 33.53 11.03 5.94
C MET A 114 33.76 10.11 7.13
N VAL A 115 32.99 9.02 7.24
CA VAL A 115 33.26 8.04 8.29
C VAL A 115 34.60 7.35 8.03
N VAL A 116 34.80 6.86 6.81
CA VAL A 116 36.02 6.13 6.53
C VAL A 116 37.23 7.07 6.53
N LYS A 117 37.07 8.34 6.14
CA LYS A 117 38.23 9.23 6.14
C LYS A 117 38.51 9.89 7.48
N ASN A 118 37.58 9.84 8.43
CA ASN A 118 37.74 10.48 9.73
C ASN A 118 37.29 9.52 10.84
N GLN A 119 37.83 8.30 10.84
CA GLN A 119 37.30 7.26 11.71
C GLN A 119 37.36 7.64 13.18
N ALA A 120 38.38 8.40 13.59
CA ALA A 120 38.51 8.78 15.00
C ALA A 120 37.42 9.75 15.43
N ASP A 121 36.74 10.41 14.50
CA ASP A 121 35.66 11.33 14.82
C ASP A 121 34.32 10.63 15.03
N ILE A 122 34.21 9.35 14.71
CA ILE A 122 32.95 8.62 14.74
C ILE A 122 33.02 7.61 15.87
N ALA A 123 32.20 7.82 16.89
CA ALA A 123 32.23 6.91 18.03
C ALA A 123 31.48 5.63 17.72
N ARG A 124 30.22 5.74 17.30
CA ARG A 124 29.36 4.62 16.98
C ARG A 124 28.53 4.97 15.75
N LEU A 125 28.16 3.95 14.98
CA LEU A 125 27.55 4.15 13.66
C LEU A 125 26.33 3.26 13.51
N VAL A 126 25.22 3.83 13.04
CA VAL A 126 24.01 3.07 12.75
C VAL A 126 23.55 3.40 11.33
N TYR A 127 23.44 2.37 10.49
CA TYR A 127 23.04 2.51 9.09
C TYR A 127 21.81 1.67 8.83
N MET A 128 20.80 2.25 8.16
CA MET A 128 19.59 1.50 7.87
C MET A 128 19.10 1.76 6.46
N GLN A 129 18.74 0.67 5.78
CA GLN A 129 17.97 0.71 4.53
C GLN A 129 18.63 1.53 3.42
N ALA A 130 19.89 1.19 3.10
CA ALA A 130 20.49 1.56 1.82
C ALA A 130 21.77 0.76 1.62
N PRO A 131 22.07 0.35 0.38
CA PRO A 131 23.41 -0.20 0.11
C PRO A 131 24.43 0.93 0.12
N ILE A 132 25.60 0.64 0.67
CA ILE A 132 26.73 1.55 0.39
C ILE A 132 27.02 1.47 -1.10
N PRO A 133 27.16 2.58 -1.81
CA PRO A 133 27.36 2.49 -3.27
C PRO A 133 28.63 1.73 -3.60
N ASP A 134 28.50 0.58 -4.26
CA ASP A 134 29.63 -0.16 -4.79
C ASP A 134 29.11 -1.02 -5.94
N ALA A 135 29.96 -1.89 -6.48
CA ALA A 135 29.60 -2.63 -7.69
C ALA A 135 28.41 -3.55 -7.49
N ARG A 136 28.04 -3.86 -6.24
CA ARG A 136 26.87 -4.71 -6.00
C ARG A 136 25.61 -4.11 -6.61
N ILE A 137 25.50 -2.78 -6.69
CA ILE A 137 24.27 -2.18 -7.18
C ILE A 137 24.05 -2.46 -8.66
N TYR A 138 25.09 -2.86 -9.40
CA TYR A 138 24.96 -3.14 -10.83
C TYR A 138 24.36 -4.51 -11.11
N ARG A 139 24.12 -5.31 -10.08
CA ARG A 139 23.52 -6.63 -10.26
C ARG A 139 22.05 -6.69 -9.83
N PHE A 140 21.57 -5.70 -9.07
CA PHE A 140 20.19 -5.73 -8.61
C PHE A 140 19.25 -5.79 -9.80
N PRO A 141 18.24 -6.67 -9.79
CA PRO A 141 17.36 -6.80 -10.95
C PRO A 141 16.44 -5.59 -11.15
N ALA A 142 16.15 -5.34 -12.43
CA ALA A 142 15.22 -4.29 -12.83
C ALA A 142 13.78 -4.68 -12.57
N PHE A 143 13.47 -5.97 -12.57
CA PHE A 143 12.09 -6.46 -12.60
C PHE A 143 12.00 -7.80 -11.90
N THR A 144 11.00 -7.98 -11.04
CA THR A 144 10.90 -9.16 -10.19
C THR A 144 9.62 -9.95 -10.48
N ALA A 145 9.69 -11.24 -10.17
CA ALA A 145 8.53 -12.12 -10.34
C ALA A 145 7.42 -11.78 -9.35
N GLN A 146 7.79 -11.28 -8.16
CA GLN A 146 6.84 -10.97 -7.10
C GLN A 146 7.23 -9.65 -6.47
N GLY A 147 6.23 -8.94 -5.98
CA GLY A 147 6.53 -7.61 -5.47
C GLY A 147 7.02 -6.72 -6.60
N GLU A 148 7.95 -5.84 -6.26
CA GLU A 148 8.48 -4.88 -7.21
C GLU A 148 9.97 -4.70 -6.95
N SER A 149 10.74 -4.51 -8.03
CA SER A 149 12.14 -4.17 -7.88
C SER A 149 12.30 -2.97 -6.96
N LEU A 150 13.14 -3.11 -5.93
CA LEU A 150 13.41 -2.01 -5.02
C LEU A 150 14.27 -0.93 -5.65
N VAL A 151 14.82 -1.20 -6.84
CA VAL A 151 16.00 -0.52 -7.35
C VAL A 151 15.74 0.22 -8.66
N TRP A 152 14.62 -0.02 -9.34
CA TRP A 152 14.46 0.57 -10.67
C TRP A 152 14.47 2.10 -10.61
N HIS A 153 14.15 2.69 -9.45
CA HIS A 153 14.20 4.14 -9.35
C HIS A 153 15.61 4.69 -9.53
N PHE A 154 16.65 3.89 -9.28
CA PHE A 154 18.01 4.37 -9.55
C PHE A 154 18.12 4.91 -10.97
N SER A 155 17.61 4.14 -11.93
CA SER A 155 17.75 4.51 -13.34
C SER A 155 16.81 5.66 -13.71
N PHE A 156 15.58 5.61 -13.22
CA PHE A 156 14.62 6.70 -13.43
C PHE A 156 15.22 8.03 -12.98
N PHE A 157 15.73 8.06 -11.75
CA PHE A 157 16.23 9.30 -11.18
C PHE A 157 17.53 9.73 -11.83
N ALA A 158 18.36 8.79 -12.29
CA ALA A 158 19.64 9.16 -12.89
C ALA A 158 19.54 9.48 -14.37
N ALA A 159 18.38 9.25 -15.00
CA ALA A 159 18.24 9.43 -16.43
C ALA A 159 18.58 10.87 -16.83
N ASP A 160 19.17 11.01 -18.01
N ASP A 160 19.19 11.04 -17.98
CA ASP A 160 19.61 12.30 -18.51
CA ASP A 160 19.61 12.39 -18.32
C ASP A 160 18.42 13.18 -18.89
C ASP A 160 18.43 13.17 -18.93
N ASP A 161 18.72 14.41 -19.32
CA ASP A 161 17.73 15.36 -19.84
C ASP A 161 16.62 15.64 -18.83
N ARG A 162 16.95 15.58 -17.53
CA ARG A 162 16.01 15.92 -16.46
C ARG A 162 14.70 15.17 -16.59
N LEU A 163 14.78 13.89 -16.98
CA LEU A 163 13.57 13.11 -17.22
C LEU A 163 12.66 13.11 -16.00
N ALA A 164 13.19 12.78 -14.82
CA ALA A 164 12.34 12.60 -13.65
C ALA A 164 11.70 13.92 -13.21
N GLU A 165 12.48 15.02 -13.14
CA GLU A 165 11.89 16.30 -12.77
C GLU A 165 10.83 16.73 -13.77
N THR A 166 11.08 16.49 -15.05
CA THR A 166 10.12 16.93 -16.06
C THR A 166 8.81 16.15 -15.94
N LEU A 167 8.89 14.85 -15.63
CA LEU A 167 7.65 14.09 -15.52
C LEU A 167 6.95 14.32 -14.20
N ILE A 168 7.70 14.59 -13.13
CA ILE A 168 7.10 14.63 -11.80
C ILE A 168 6.59 16.04 -11.44
N ALA A 169 7.15 17.08 -12.05
CA ALA A 169 6.68 18.45 -11.78
C ALA A 169 5.17 18.53 -11.97
N GLY A 170 4.49 19.14 -11.00
CA GLY A 170 3.04 19.18 -11.01
C GLY A 170 2.37 17.95 -10.44
N LYS A 171 3.10 16.86 -10.24
CA LYS A 171 2.54 15.62 -9.75
C LYS A 171 3.31 15.14 -8.53
N GLU A 172 3.90 16.06 -7.77
CA GLU A 172 4.84 15.67 -6.73
C GLU A 172 4.15 14.93 -5.59
N ARG A 173 2.97 15.40 -5.19
CA ARG A 173 2.26 14.77 -4.07
C ARG A 173 1.79 13.37 -4.45
N PHE A 174 1.29 13.22 -5.68
CA PHE A 174 0.94 11.89 -6.19
C PHE A 174 2.13 10.96 -6.18
N PHE A 175 3.27 11.41 -6.73
CA PHE A 175 4.40 10.51 -6.85
C PHE A 175 4.93 10.10 -5.48
N LEU A 176 4.98 11.04 -4.54
CA LEU A 176 5.57 10.75 -3.23
C LEU A 176 4.72 9.73 -2.47
N GLU A 177 3.39 9.87 -2.50
CA GLU A 177 2.57 8.85 -1.87
C GLU A 177 2.81 7.48 -2.51
N HIS A 178 2.94 7.44 -3.85
CA HIS A 178 3.16 6.16 -4.50
C HIS A 178 4.49 5.55 -4.09
N PHE A 179 5.58 6.31 -4.16
CA PHE A 179 6.86 5.65 -3.90
C PHE A 179 7.06 5.35 -2.43
N ILE A 180 6.49 6.15 -1.53
CA ILE A 180 6.59 5.79 -0.12
C ILE A 180 5.81 4.51 0.14
N LYS A 181 4.55 4.45 -0.29
CA LYS A 181 3.75 3.28 0.05
C LYS A 181 4.24 2.02 -0.65
N SER A 182 4.77 2.15 -1.88
N SER A 182 4.77 2.15 -1.88
CA SER A 182 5.25 0.97 -2.58
CA SER A 182 5.27 0.97 -2.59
C SER A 182 6.50 0.39 -1.93
C SER A 182 6.53 0.40 -1.96
N HIS A 183 7.21 1.17 -1.11
CA HIS A 183 8.37 0.68 -0.39
C HIS A 183 8.07 0.41 1.07
N ALA A 184 6.79 0.37 1.43
CA ALA A 184 6.39 0.17 2.82
C ALA A 184 5.69 -1.16 3.01
N SER A 185 5.81 -1.70 4.22
N SER A 185 5.79 -1.70 4.22
CA SER A 185 5.00 -2.83 4.69
CA SER A 185 4.97 -2.80 4.68
C SER A 185 3.80 -2.31 5.47
C SER A 185 3.78 -2.30 5.47
N ASN A 186 4.03 -1.44 6.45
CA ASN A 186 2.97 -0.84 7.26
C ASN A 186 2.57 0.50 6.64
N THR A 187 1.82 0.42 5.53
CA THR A 187 1.46 1.63 4.81
C THR A 187 0.56 2.55 5.63
N GLU A 188 -0.12 2.02 6.65
CA GLU A 188 -1.16 2.81 7.30
C GLU A 188 -0.59 3.96 8.13
N VAL A 189 0.72 4.00 8.38
CA VAL A 189 1.28 5.13 9.12
C VAL A 189 1.43 6.37 8.24
N PHE A 190 1.28 6.23 6.92
CA PHE A 190 1.47 7.39 6.04
C PHE A 190 0.11 8.01 5.75
N SER A 191 -0.37 8.76 6.75
CA SER A 191 -1.61 9.51 6.65
C SER A 191 -1.49 10.55 5.54
N GLU A 192 -2.65 10.97 5.02
CA GLU A 192 -2.63 12.04 4.02
C GLU A 192 -1.96 13.29 4.58
N ARG A 193 -2.17 13.55 5.87
CA ARG A 193 -1.58 14.73 6.51
C ARG A 193 -0.05 14.67 6.46
N LEU A 194 0.52 13.52 6.85
CA LEU A 194 1.97 13.38 6.83
C LEU A 194 2.53 13.44 5.40
N LEU A 195 1.86 12.80 4.45
CA LEU A 195 2.33 12.86 3.07
C LEU A 195 2.29 14.29 2.54
N ASP A 196 1.27 15.07 2.93
CA ASP A 196 1.21 16.47 2.52
C ASP A 196 2.46 17.22 2.97
N LEU A 197 2.88 17.02 4.22
CA LEU A 197 4.08 17.71 4.72
C LEU A 197 5.31 17.35 3.90
N TYR A 198 5.54 16.06 3.69
CA TYR A 198 6.71 15.66 2.91
C TYR A 198 6.63 16.15 1.47
N ALA A 199 5.45 16.10 0.86
CA ALA A 199 5.37 16.50 -0.55
C ALA A 199 5.62 17.99 -0.70
N ARG A 200 5.12 18.80 0.23
CA ARG A 200 5.30 20.23 0.12
C ARG A 200 6.77 20.60 0.14
N SER A 201 7.57 19.86 0.89
CA SER A 201 9.01 20.16 0.96
C SER A 201 9.72 19.75 -0.33
N TYR A 202 9.53 18.52 -0.78
CA TYR A 202 10.35 18.14 -1.93
C TYR A 202 9.79 18.66 -3.25
N ALA A 203 8.58 19.23 -3.26
CA ALA A 203 8.09 19.86 -4.48
C ALA A 203 8.73 21.21 -4.77
N LYS A 204 9.41 21.83 -3.81
CA LYS A 204 10.19 23.02 -4.13
C LYS A 204 11.08 22.71 -5.32
N PRO A 205 11.04 23.49 -6.40
CA PRO A 205 11.77 23.09 -7.61
C PRO A 205 13.23 22.75 -7.39
N HIS A 206 13.97 23.54 -6.60
CA HIS A 206 15.37 23.19 -6.36
C HIS A 206 15.50 21.92 -5.52
N SER A 207 14.49 21.58 -4.73
CA SER A 207 14.55 20.36 -3.94
C SER A 207 14.21 19.14 -4.80
N LEU A 208 13.26 19.27 -5.71
CA LEU A 208 13.00 18.16 -6.62
C LEU A 208 14.25 17.85 -7.44
N ASN A 209 14.90 18.88 -7.96
CA ASN A 209 16.10 18.65 -8.74
C ASN A 209 17.22 18.07 -7.89
N ALA A 210 17.47 18.69 -6.73
CA ALA A 210 18.48 18.17 -5.81
C ALA A 210 18.27 16.70 -5.49
N SER A 211 17.01 16.31 -5.25
CA SER A 211 16.71 14.90 -4.97
C SER A 211 17.35 13.98 -6.00
N PHE A 212 17.18 14.30 -7.28
CA PHE A 212 17.66 13.39 -8.32
C PHE A 212 19.15 13.55 -8.61
N GLU A 213 19.75 14.70 -8.27
CA GLU A 213 21.18 14.85 -8.49
C GLU A 213 21.97 13.87 -7.63
N TYR A 214 21.44 13.44 -6.48
CA TYR A 214 22.10 12.39 -5.72
C TYR A 214 22.24 11.11 -6.52
N TYR A 215 21.21 10.77 -7.31
CA TYR A 215 21.27 9.56 -8.13
C TYR A 215 22.11 9.78 -9.39
N ARG A 216 22.10 10.99 -9.93
CA ARG A 216 22.98 11.28 -11.05
C ARG A 216 24.46 11.19 -10.68
N ALA A 217 24.77 11.33 -9.40
CA ALA A 217 26.14 11.22 -8.92
C ALA A 217 26.48 9.83 -8.40
N LEU A 218 25.54 8.88 -8.48
CA LEU A 218 25.73 7.57 -7.85
C LEU A 218 26.91 6.82 -8.45
N ASN A 219 27.05 6.84 -9.78
CA ASN A 219 28.18 6.14 -10.39
C ASN A 219 29.51 6.76 -9.97
N GLU A 220 29.56 8.09 -9.83
CA GLU A 220 30.73 8.73 -9.26
C GLU A 220 30.98 8.26 -7.84
N SER A 221 29.92 8.17 -7.02
CA SER A 221 30.05 7.73 -5.64
C SER A 221 30.59 6.30 -5.57
N VAL A 222 30.12 5.43 -6.47
CA VAL A 222 30.66 4.08 -6.54
C VAL A 222 32.15 4.11 -6.82
N ARG A 223 32.58 4.94 -7.78
CA ARG A 223 34.01 4.99 -8.09
C ARG A 223 34.80 5.55 -6.93
N GLN A 224 34.23 6.52 -6.19
CA GLN A 224 34.90 7.03 -5.00
C GLN A 224 35.06 5.94 -3.95
N ASN A 225 34.00 5.18 -3.69
CA ASN A 225 34.04 4.21 -2.62
C ASN A 225 34.95 3.03 -2.94
N ALA A 226 35.23 2.77 -4.22
CA ALA A 226 36.13 1.70 -4.58
C ALA A 226 37.52 1.94 -4.01
N GLU A 227 37.94 3.21 -3.94
CA GLU A 227 39.20 3.56 -3.30
C GLU A 227 39.06 3.60 -1.78
N LEU A 228 38.00 4.24 -1.27
CA LEU A 228 37.86 4.40 0.16
C LEU A 228 37.74 3.06 0.88
N ALA A 229 37.11 2.08 0.24
CA ALA A 229 36.82 0.82 0.94
C ALA A 229 38.05 -0.04 1.17
N LYS A 230 39.24 0.39 0.75
CA LYS A 230 40.46 -0.35 1.05
C LYS A 230 40.82 -0.31 2.52
N THR A 231 40.13 0.51 3.32
CA THR A 231 40.27 0.53 4.77
C THR A 231 38.91 0.19 5.37
N ARG A 232 38.87 -0.87 6.18
CA ARG A 232 37.60 -1.23 6.82
C ARG A 232 37.29 -0.28 7.97
N LEU A 233 35.99 -0.14 8.26
CA LEU A 233 35.57 0.64 9.41
C LEU A 233 35.88 -0.10 10.71
N GLN A 234 36.39 0.65 11.69
CA GLN A 234 36.83 0.06 12.95
C GLN A 234 35.89 0.30 14.12
N MET A 235 34.97 1.24 14.01
CA MET A 235 34.15 1.60 15.17
C MET A 235 32.92 0.70 15.25
N PRO A 236 32.31 0.58 16.43
CA PRO A 236 31.11 -0.25 16.57
C PRO A 236 30.00 0.24 15.65
N THR A 237 29.45 -0.69 14.89
CA THR A 237 28.44 -0.41 13.88
C THR A 237 27.24 -1.33 14.07
N MET A 238 26.05 -0.80 13.82
CA MET A 238 24.81 -1.59 13.80
C MET A 238 24.09 -1.31 12.49
N THR A 239 23.57 -2.35 11.85
CA THR A 239 22.70 -2.16 10.69
C THR A 239 21.28 -2.56 11.05
N LEU A 240 20.32 -1.82 10.51
CA LEU A 240 18.93 -2.19 10.57
C LEU A 240 18.37 -2.30 9.16
N ALA A 241 17.46 -3.25 8.95
CA ALA A 241 16.76 -3.37 7.69
C ALA A 241 15.36 -3.89 7.99
N GLY A 242 14.42 -3.57 7.11
CA GLY A 242 13.09 -4.16 7.20
C GLY A 242 13.08 -5.56 6.62
N GLY A 243 12.24 -6.41 7.19
CA GLY A 243 12.04 -7.76 6.68
C GLY A 243 10.80 -7.90 5.83
N GLY A 244 9.97 -6.85 5.79
CA GLY A 244 8.75 -6.85 5.03
C GLY A 244 8.91 -6.20 3.64
N HIS A 245 7.75 -5.93 3.02
CA HIS A 245 7.73 -5.31 1.68
C HIS A 245 8.48 -3.99 1.68
N GLY A 246 9.47 -3.86 0.80
CA GLY A 246 10.33 -2.69 0.78
C GLY A 246 11.61 -2.83 1.60
N GLY A 247 11.71 -3.88 2.42
CA GLY A 247 12.89 -4.03 3.26
C GLY A 247 14.03 -4.69 2.51
N MET A 248 15.25 -4.40 2.95
CA MET A 248 16.42 -5.00 2.33
C MET A 248 16.81 -6.34 2.94
N GLY A 249 16.12 -6.80 3.98
CA GLY A 249 16.38 -8.11 4.53
C GLY A 249 17.84 -8.27 4.94
N THR A 250 18.40 -9.44 4.64
CA THR A 250 19.75 -9.74 5.11
C THR A 250 20.83 -8.99 4.33
N PHE A 251 20.49 -8.29 3.24
CA PHE A 251 21.54 -7.65 2.44
C PHE A 251 22.28 -6.59 3.25
N GLN A 252 21.55 -5.81 4.05
CA GLN A 252 22.16 -4.70 4.76
C GLN A 252 23.33 -5.16 5.62
N LEU A 253 23.12 -6.20 6.44
CA LEU A 253 24.20 -6.70 7.28
C LEU A 253 25.29 -7.39 6.46
N GLU A 254 24.90 -8.22 5.48
CA GLU A 254 25.90 -8.97 4.73
C GLU A 254 26.84 -8.05 3.96
N GLN A 255 26.33 -6.95 3.40
CA GLN A 255 27.23 -5.99 2.76
C GLN A 255 28.09 -5.28 3.79
N MET A 256 27.49 -4.88 4.93
CA MET A 256 28.27 -4.14 5.91
C MET A 256 29.43 -4.97 6.46
N LYS A 257 29.30 -6.29 6.49
CA LYS A 257 30.41 -7.12 6.99
C LYS A 257 31.65 -6.97 6.10
N ALA A 258 31.46 -6.66 4.83
CA ALA A 258 32.61 -6.41 3.95
C ALA A 258 33.27 -5.07 4.25
N TYR A 259 32.57 -4.17 4.93
CA TYR A 259 33.06 -2.82 5.20
C TYR A 259 33.50 -2.59 6.63
N ALA A 260 33.11 -3.45 7.57
CA ALA A 260 33.24 -3.13 8.99
C ALA A 260 33.75 -4.34 9.77
N GLU A 261 34.64 -4.08 10.73
CA GLU A 261 35.17 -5.15 11.56
C GLU A 261 34.23 -5.53 12.70
N ASP A 262 33.46 -4.57 13.19
CA ASP A 262 32.62 -4.72 14.38
C ASP A 262 31.20 -4.34 13.99
N VAL A 263 30.37 -5.31 13.64
CA VAL A 263 29.03 -4.99 13.17
C VAL A 263 28.04 -6.03 13.69
N GLU A 264 26.90 -5.54 14.13
CA GLU A 264 25.74 -6.37 14.45
C GLU A 264 24.58 -5.86 13.61
N GLY A 265 23.70 -6.76 13.22
CA GLY A 265 22.61 -6.41 12.33
C GLY A 265 21.30 -6.96 12.83
N HIS A 266 20.22 -6.28 12.44
CA HIS A 266 18.86 -6.69 12.79
C HIS A 266 17.96 -6.53 11.57
N VAL A 267 17.06 -7.48 11.40
CA VAL A 267 16.00 -7.39 10.39
C VAL A 267 14.69 -7.29 11.15
N LEU A 268 13.92 -6.24 10.87
CA LEU A 268 12.70 -5.98 11.63
C LEU A 268 11.51 -6.56 10.90
N PRO A 269 10.87 -7.60 11.43
CA PRO A 269 9.78 -8.26 10.69
C PRO A 269 8.57 -7.34 10.53
N GLY A 270 7.90 -7.47 9.39
CA GLY A 270 6.69 -6.71 9.17
C GLY A 270 6.92 -5.23 8.96
N CYS A 271 8.16 -4.86 8.63
CA CYS A 271 8.58 -3.48 8.43
C CYS A 271 9.25 -3.38 7.08
N GLY A 272 8.94 -2.30 6.36
CA GLY A 272 9.55 -2.08 5.05
C GLY A 272 10.71 -1.12 5.11
N HIS A 273 10.69 -0.12 4.22
CA HIS A 273 11.82 0.79 4.10
C HIS A 273 11.84 1.84 5.19
N TRP A 274 10.66 2.32 5.59
CA TRP A 274 10.57 3.57 6.35
C TRP A 274 10.55 3.27 7.86
N LEU A 275 11.65 2.71 8.34
CA LEU A 275 11.67 2.13 9.69
C LEU A 275 11.27 3.11 10.80
N PRO A 276 11.72 4.37 10.82
CA PRO A 276 11.35 5.24 11.95
C PRO A 276 9.84 5.44 12.07
N GLU A 277 9.12 5.35 10.97
CA GLU A 277 7.67 5.58 10.96
C GLU A 277 6.88 4.29 10.98
N GLU A 278 7.32 3.29 10.22
CA GLU A 278 6.61 2.01 10.17
C GLU A 278 6.78 1.20 11.44
N CYS A 279 7.95 1.31 12.09
CA CYS A 279 8.25 0.44 13.22
C CYS A 279 9.01 1.25 14.27
N ALA A 280 8.34 2.32 14.72
CA ALA A 280 8.96 3.28 15.64
C ALA A 280 9.43 2.63 16.93
N ALA A 281 8.57 1.81 17.58
CA ALA A 281 8.94 1.27 18.89
C ALA A 281 10.17 0.37 18.82
N PRO A 282 10.20 -0.69 18.01
CA PRO A 282 11.43 -1.52 18.01
C PRO A 282 12.63 -0.79 17.44
N MET A 283 12.44 0.07 16.43
CA MET A 283 13.60 0.73 15.84
C MET A 283 14.23 1.70 16.82
N ASN A 284 13.39 2.53 17.47
CA ASN A 284 13.90 3.46 18.48
C ASN A 284 14.64 2.72 19.58
N ARG A 285 14.05 1.61 20.07
CA ARG A 285 14.69 0.85 21.14
C ARG A 285 16.05 0.34 20.70
N LEU A 286 16.13 -0.20 19.49
CA LEU A 286 17.42 -0.72 19.00
C LEU A 286 18.46 0.39 18.93
N VAL A 287 18.08 1.56 18.41
CA VAL A 287 19.05 2.63 18.26
C VAL A 287 19.50 3.17 19.62
N ILE A 288 18.54 3.45 20.49
CA ILE A 288 18.87 4.00 21.82
C ILE A 288 19.76 3.04 22.59
N ASP A 289 19.39 1.75 22.62
CA ASP A 289 20.19 0.76 23.34
C ASP A 289 21.60 0.71 22.79
N PHE A 290 21.75 0.73 21.45
CA PHE A 290 23.06 0.59 20.84
C PHE A 290 23.94 1.80 21.13
N LEU A 291 23.38 3.00 21.03
CA LEU A 291 24.16 4.20 21.32
C LEU A 291 24.42 4.38 22.81
N SER A 292 23.58 3.79 23.66
CA SER A 292 23.77 3.93 25.10
C SER A 292 24.77 2.95 25.68
N ARG A 293 25.34 2.07 24.87
CA ARG A 293 26.39 1.18 25.37
C ARG A 293 27.64 1.96 25.74
N ALA B 1 -9.79 10.31 -41.04
CA ALA B 1 -8.39 10.65 -40.76
C ALA B 1 -7.58 9.40 -40.46
N GLU B 2 -6.29 9.46 -40.77
CA GLU B 2 -5.34 8.41 -40.49
C GLU B 2 -4.26 8.98 -39.60
N GLU B 3 -3.84 8.21 -38.60
CA GLU B 3 -2.76 8.66 -37.73
C GLU B 3 -1.42 8.69 -38.48
N PHE B 4 -1.24 7.83 -39.47
CA PHE B 4 0.02 7.75 -40.21
C PHE B 4 -0.26 7.62 -41.70
N PRO B 5 0.66 8.08 -42.55
CA PRO B 5 0.43 7.99 -44.00
C PRO B 5 0.49 6.56 -44.51
N VAL B 6 -0.53 6.17 -45.28
CA VAL B 6 -0.57 4.82 -45.85
C VAL B 6 0.25 4.81 -47.15
N PRO B 7 1.13 3.82 -47.36
CA PRO B 7 1.85 3.75 -48.64
C PRO B 7 0.92 3.50 -49.82
N ASN B 8 1.35 3.95 -50.99
CA ASN B 8 0.59 3.72 -52.21
C ASN B 8 0.38 2.24 -52.45
N GLY B 9 -0.83 1.88 -52.87
CA GLY B 9 -1.15 0.50 -53.10
C GLY B 9 -1.60 -0.27 -51.87
N PHE B 10 -1.61 0.36 -50.70
CA PHE B 10 -2.07 -0.28 -49.48
C PHE B 10 -3.39 0.35 -49.05
N GLU B 11 -4.19 -0.42 -48.31
CA GLU B 11 -5.44 0.07 -47.75
C GLU B 11 -5.39 0.01 -46.23
N SER B 12 -5.96 1.03 -45.60
CA SER B 12 -6.21 1.03 -44.16
C SER B 12 -7.63 0.55 -43.93
N ALA B 13 -7.82 -0.46 -43.07
CA ALA B 13 -9.13 -1.05 -42.90
C ALA B 13 -9.28 -1.60 -41.48
N TYR B 14 -10.46 -2.14 -41.19
CA TYR B 14 -10.77 -2.66 -39.88
C TYR B 14 -11.48 -4.01 -40.00
N ARG B 15 -11.24 -4.89 -39.03
CA ARG B 15 -12.00 -6.12 -38.89
C ARG B 15 -12.35 -6.32 -37.42
N GLU B 16 -13.54 -6.84 -37.17
CA GLU B 16 -13.92 -7.31 -35.84
C GLU B 16 -13.32 -8.68 -35.59
N VAL B 17 -12.67 -8.84 -34.44
CA VAL B 17 -12.17 -10.13 -33.98
C VAL B 17 -12.61 -10.31 -32.54
N ASP B 18 -13.44 -11.32 -32.29
CA ASP B 18 -13.95 -11.57 -30.94
C ASP B 18 -14.48 -10.28 -30.31
N GLY B 19 -15.21 -9.51 -31.10
CA GLY B 19 -15.87 -8.31 -30.59
C GLY B 19 -14.99 -7.09 -30.46
N VAL B 20 -13.75 -7.15 -30.95
CA VAL B 20 -12.78 -6.06 -30.84
C VAL B 20 -12.45 -5.57 -32.25
N LYS B 21 -12.57 -4.26 -32.48
CA LYS B 21 -12.36 -3.68 -33.81
C LYS B 21 -10.88 -3.38 -34.00
N LEU B 22 -10.23 -4.18 -34.83
CA LEU B 22 -8.79 -4.03 -35.05
C LEU B 22 -8.53 -3.26 -36.33
N HIS B 23 -7.58 -2.33 -36.27
CA HIS B 23 -7.11 -1.60 -37.44
C HIS B 23 -5.89 -2.30 -38.03
N TYR B 24 -5.76 -2.24 -39.36
CA TYR B 24 -4.59 -2.78 -40.02
C TYR B 24 -4.38 -2.05 -41.34
N VAL B 25 -3.17 -2.20 -41.87
CA VAL B 25 -2.84 -1.73 -43.21
C VAL B 25 -2.41 -2.94 -44.03
N LYS B 26 -2.98 -3.07 -45.23
CA LYS B 26 -2.83 -4.29 -46.02
C LYS B 26 -2.53 -3.97 -47.48
N GLY B 27 -1.62 -4.74 -48.06
CA GLY B 27 -1.38 -4.65 -49.49
C GLY B 27 -0.61 -5.85 -49.99
N GLY B 28 -0.49 -5.94 -51.31
CA GLY B 28 0.26 -6.99 -51.95
C GLY B 28 -0.61 -8.16 -52.36
N GLN B 29 0.06 -9.16 -52.94
CA GLN B 29 -0.60 -10.41 -53.30
C GLN B 29 0.37 -11.56 -53.08
N GLY B 30 -0.19 -12.75 -52.89
CA GLY B 30 0.60 -13.92 -52.58
C GLY B 30 0.35 -14.37 -51.15
N PRO B 31 1.20 -15.27 -50.64
CA PRO B 31 1.03 -15.75 -49.27
C PRO B 31 1.13 -14.61 -48.27
N LEU B 32 0.52 -14.81 -47.11
CA LEU B 32 0.38 -13.73 -46.13
C LEU B 32 1.60 -13.63 -45.24
N VAL B 33 2.05 -12.38 -45.00
CA VAL B 33 3.00 -12.05 -43.93
C VAL B 33 2.33 -11.04 -43.03
N MET B 34 2.27 -11.34 -41.74
CA MET B 34 1.76 -10.38 -40.75
C MET B 34 2.95 -9.77 -40.01
N LEU B 35 2.97 -8.44 -39.93
CA LEU B 35 4.03 -7.67 -39.25
C LEU B 35 3.43 -7.03 -38.01
N VAL B 36 4.03 -7.28 -36.84
CA VAL B 36 3.45 -6.88 -35.56
C VAL B 36 4.43 -5.98 -34.83
N HIS B 37 4.02 -4.73 -34.61
CA HIS B 37 4.82 -3.65 -34.04
C HIS B 37 4.94 -3.80 -32.52
N GLY B 38 5.68 -2.89 -31.91
CA GLY B 38 5.89 -2.90 -30.48
C GLY B 38 5.56 -1.60 -29.74
N PHE B 39 6.07 -1.48 -28.52
CA PHE B 39 5.73 -0.36 -27.65
C PHE B 39 6.25 0.95 -28.23
N GLY B 40 5.44 2.01 -28.07
CA GLY B 40 5.81 3.32 -28.56
C GLY B 40 5.50 3.56 -30.03
N GLN B 41 5.04 2.54 -30.74
CA GLN B 41 4.91 2.62 -32.18
C GLN B 41 3.58 1.99 -32.59
N THR B 42 3.39 1.88 -33.90
CA THR B 42 2.17 1.38 -34.50
C THR B 42 2.59 0.57 -35.73
N TRP B 43 1.61 0.19 -36.54
CA TRP B 43 1.86 -0.44 -37.83
C TRP B 43 2.89 0.35 -38.64
N TYR B 44 2.94 1.67 -38.44
CA TYR B 44 3.75 2.54 -39.29
C TYR B 44 5.24 2.23 -39.21
N GLU B 45 5.72 1.58 -38.13
CA GLU B 45 7.15 1.27 -38.11
C GLU B 45 7.54 0.35 -39.26
N TRP B 46 6.57 -0.34 -39.85
CA TRP B 46 6.80 -1.25 -40.97
C TRP B 46 6.65 -0.58 -42.34
N HIS B 47 6.39 0.73 -42.40
CA HIS B 47 5.98 1.31 -43.68
C HIS B 47 7.07 1.27 -44.74
N GLN B 48 8.35 1.15 -44.36
CA GLN B 48 9.40 1.05 -45.38
C GLN B 48 9.57 -0.36 -45.90
N LEU B 49 9.35 -1.35 -45.02
CA LEU B 49 9.44 -2.75 -45.42
C LEU B 49 8.23 -3.17 -46.26
N MET B 50 7.06 -2.62 -45.95
CA MET B 50 5.81 -3.11 -46.55
C MET B 50 5.81 -3.06 -48.08
N PRO B 51 6.17 -1.95 -48.75
CA PRO B 51 6.11 -1.97 -50.22
C PRO B 51 7.06 -2.98 -50.84
N GLU B 52 8.24 -3.19 -50.25
CA GLU B 52 9.17 -4.19 -50.78
C GLU B 52 8.63 -5.61 -50.60
N LEU B 53 8.13 -5.92 -49.41
CA LEU B 53 7.56 -7.24 -49.16
C LEU B 53 6.35 -7.51 -50.03
N ALA B 54 5.57 -6.47 -50.33
CA ALA B 54 4.32 -6.66 -51.09
C ALA B 54 4.57 -6.99 -52.55
N LYS B 55 5.82 -6.97 -53.01
CA LYS B 55 6.11 -7.45 -54.36
C LYS B 55 6.00 -8.96 -54.46
N ARG B 56 6.10 -9.67 -53.33
CA ARG B 56 6.05 -11.12 -53.31
C ARG B 56 5.01 -11.69 -52.37
N PHE B 57 4.44 -10.91 -51.47
CA PHE B 57 3.54 -11.40 -50.44
C PHE B 57 2.34 -10.46 -50.29
N THR B 58 1.24 -11.01 -49.77
CA THR B 58 0.22 -10.18 -49.16
C THR B 58 0.72 -9.79 -47.77
N VAL B 59 0.70 -8.50 -47.46
CA VAL B 59 1.30 -7.98 -46.24
C VAL B 59 0.20 -7.33 -45.41
N ILE B 60 0.11 -7.70 -44.13
CA ILE B 60 -0.82 -7.05 -43.22
C ILE B 60 -0.06 -6.59 -41.98
N ALA B 61 -0.27 -5.34 -41.59
CA ALA B 61 0.36 -4.74 -40.40
C ALA B 61 -0.74 -4.21 -39.48
N PRO B 62 -1.13 -4.95 -38.45
CA PRO B 62 -2.17 -4.47 -37.54
C PRO B 62 -1.61 -3.55 -36.47
N ASP B 63 -2.50 -2.72 -35.91
CA ASP B 63 -2.24 -2.06 -34.65
C ASP B 63 -2.60 -3.00 -33.50
N LEU B 64 -1.70 -3.13 -32.53
CA LEU B 64 -1.99 -3.96 -31.36
C LEU B 64 -3.24 -3.45 -30.65
N PRO B 65 -4.01 -4.35 -30.02
CA PRO B 65 -5.22 -3.89 -29.32
C PRO B 65 -4.94 -2.71 -28.40
N GLY B 66 -5.75 -1.67 -28.53
CA GLY B 66 -5.64 -0.48 -27.71
C GLY B 66 -4.66 0.55 -28.22
N LEU B 67 -3.75 0.17 -29.12
CA LEU B 67 -2.76 1.06 -29.70
C LEU B 67 -3.13 1.40 -31.14
N GLY B 68 -2.48 2.44 -31.66
CA GLY B 68 -2.82 2.95 -32.97
C GLY B 68 -4.30 3.23 -33.04
N GLN B 69 -4.96 2.65 -34.04
CA GLN B 69 -6.39 2.83 -34.24
C GLN B 69 -7.19 1.57 -33.89
N SER B 70 -6.61 0.65 -33.12
CA SER B 70 -7.28 -0.58 -32.71
C SER B 70 -7.96 -0.42 -31.34
N GLU B 71 -9.13 -1.03 -31.23
CA GLU B 71 -9.88 -1.02 -29.97
C GLU B 71 -9.12 -1.83 -28.91
N PRO B 72 -9.23 -1.44 -27.63
CA PRO B 72 -8.59 -2.24 -26.59
C PRO B 72 -9.15 -3.64 -26.56
N PRO B 73 -8.38 -4.60 -26.04
CA PRO B 73 -8.89 -5.96 -25.93
C PRO B 73 -10.03 -6.04 -24.92
N LYS B 74 -10.92 -6.99 -25.15
CA LYS B 74 -12.01 -7.23 -24.20
C LYS B 74 -11.71 -8.35 -23.21
N THR B 75 -10.66 -9.12 -23.44
CA THR B 75 -10.27 -10.18 -22.51
C THR B 75 -9.17 -9.69 -21.56
N GLY B 76 -8.00 -9.37 -22.10
CA GLY B 76 -6.92 -8.87 -21.26
C GLY B 76 -5.71 -8.64 -22.11
N TYR B 77 -4.63 -8.23 -21.44
CA TYR B 77 -3.39 -7.85 -22.11
C TYR B 77 -2.26 -8.88 -21.97
N SER B 78 -2.51 -10.04 -21.37
CA SER B 78 -1.46 -11.04 -21.30
C SER B 78 -1.19 -11.61 -22.69
N GLY B 79 -0.01 -12.20 -22.86
CA GLY B 79 0.39 -12.69 -24.17
C GLY B 79 -0.60 -13.66 -24.77
N GLU B 80 -1.12 -14.59 -23.94
CA GLU B 80 -2.03 -15.59 -24.49
C GLU B 80 -3.35 -14.98 -24.92
N GLN B 81 -3.82 -13.95 -24.22
CA GLN B 81 -5.09 -13.32 -24.58
C GLN B 81 -4.95 -12.49 -25.85
N VAL B 82 -3.88 -11.72 -25.97
CA VAL B 82 -3.73 -10.84 -27.13
C VAL B 82 -3.43 -11.67 -28.37
N ALA B 83 -2.64 -12.73 -28.21
CA ALA B 83 -2.28 -13.57 -29.35
C ALA B 83 -3.51 -14.18 -30.01
N VAL B 84 -4.59 -14.41 -29.26
CA VAL B 84 -5.82 -14.89 -29.87
C VAL B 84 -6.31 -13.91 -30.95
N TYR B 85 -6.35 -12.62 -30.61
CA TYR B 85 -6.84 -11.62 -31.57
C TYR B 85 -5.98 -11.62 -32.84
N LEU B 86 -4.67 -11.66 -32.67
CA LEU B 86 -3.78 -11.58 -33.83
C LEU B 86 -3.84 -12.86 -34.66
N HIS B 87 -3.94 -14.01 -34.00
CA HIS B 87 -4.08 -15.26 -34.75
C HIS B 87 -5.36 -15.27 -35.56
N LYS B 88 -6.48 -14.85 -34.95
CA LYS B 88 -7.75 -14.90 -35.66
C LYS B 88 -7.79 -13.87 -36.78
N LEU B 89 -7.16 -12.71 -36.58
CA LEU B 89 -7.07 -11.73 -37.67
C LEU B 89 -6.34 -12.32 -38.86
N ALA B 90 -5.17 -12.92 -38.62
CA ALA B 90 -4.41 -13.53 -39.71
C ALA B 90 -5.22 -14.60 -40.42
N ARG B 91 -5.91 -15.44 -39.65
CA ARG B 91 -6.68 -16.52 -40.27
C ARG B 91 -7.84 -16.00 -41.12
N GLN B 92 -8.39 -14.83 -40.80
CA GLN B 92 -9.38 -14.23 -41.72
C GLN B 92 -8.80 -14.05 -43.11
N PHE B 93 -7.52 -13.70 -43.21
CA PHE B 93 -6.94 -13.43 -44.52
C PHE B 93 -6.18 -14.62 -45.10
N SER B 94 -5.77 -15.58 -44.29
CA SER B 94 -5.05 -16.75 -44.77
C SER B 94 -5.65 -18.04 -44.20
N PRO B 95 -6.92 -18.32 -44.52
CA PRO B 95 -7.59 -19.49 -43.90
C PRO B 95 -7.09 -20.83 -44.41
N ASP B 96 -6.47 -20.89 -45.58
CA ASP B 96 -6.14 -22.16 -46.25
C ASP B 96 -4.65 -22.44 -46.33
N ARG B 97 -3.79 -21.59 -45.81
CA ARG B 97 -2.37 -21.90 -45.85
C ARG B 97 -1.68 -21.23 -44.67
N PRO B 98 -0.52 -21.74 -44.25
CA PRO B 98 0.23 -21.07 -43.19
C PRO B 98 0.68 -19.69 -43.65
N PHE B 99 0.89 -18.82 -42.67
CA PHE B 99 1.35 -17.47 -42.94
C PHE B 99 2.66 -17.23 -42.19
N ASP B 100 3.39 -16.20 -42.64
CA ASP B 100 4.62 -15.78 -42.00
C ASP B 100 4.34 -14.70 -40.97
N LEU B 101 5.21 -14.62 -39.97
CA LEU B 101 5.05 -13.69 -38.87
C LEU B 101 6.38 -13.00 -38.61
N VAL B 102 6.34 -11.66 -38.56
CA VAL B 102 7.47 -10.83 -38.20
C VAL B 102 7.02 -9.97 -37.02
N ALA B 103 7.81 -9.96 -35.94
CA ALA B 103 7.39 -9.24 -34.75
C ALA B 103 8.57 -8.54 -34.10
N HIS B 104 8.28 -7.37 -33.49
CA HIS B 104 9.25 -6.47 -32.89
C HIS B 104 8.81 -6.11 -31.47
N ASP B 105 9.75 -6.15 -30.52
CA ASP B 105 9.49 -5.66 -29.14
C ASP B 105 8.29 -6.42 -28.59
N ILE B 106 7.26 -5.76 -28.03
CA ILE B 106 6.17 -6.53 -27.42
C ILE B 106 5.29 -7.24 -28.43
N GLY B 107 5.48 -6.99 -29.73
CA GLY B 107 4.88 -7.86 -30.73
C GLY B 107 5.26 -9.31 -30.54
N ILE B 108 6.48 -9.57 -30.05
CA ILE B 108 6.90 -10.92 -29.68
C ILE B 108 6.02 -11.46 -28.57
N TRP B 109 5.87 -10.68 -27.49
CA TRP B 109 5.09 -11.13 -26.34
C TRP B 109 3.67 -11.48 -26.77
N ASN B 110 3.13 -10.72 -27.68
CA ASN B 110 1.74 -10.83 -28.10
C ASN B 110 1.54 -11.84 -29.22
N THR B 111 2.59 -12.53 -29.65
CA THR B 111 2.43 -13.53 -30.71
C THR B 111 2.97 -14.89 -30.35
N TYR B 112 3.99 -14.96 -29.47
CA TYR B 112 4.60 -16.24 -29.17
C TYR B 112 3.57 -17.31 -28.78
N PRO B 113 2.56 -17.02 -27.93
CA PRO B 113 1.62 -18.10 -27.58
C PRO B 113 0.86 -18.66 -28.77
N MET B 114 0.41 -17.82 -29.69
CA MET B 114 -0.34 -18.38 -30.81
C MET B 114 0.58 -19.10 -31.80
N VAL B 115 1.84 -18.70 -31.88
CA VAL B 115 2.80 -19.45 -32.70
C VAL B 115 2.99 -20.85 -32.14
N VAL B 116 3.24 -20.95 -30.83
CA VAL B 116 3.56 -22.26 -30.27
C VAL B 116 2.32 -23.16 -30.24
N LYS B 117 1.12 -22.58 -30.11
CA LYS B 117 -0.09 -23.38 -30.05
C LYS B 117 -0.68 -23.70 -31.41
N ASN B 118 -0.27 -23.00 -32.47
CA ASN B 118 -0.83 -23.19 -33.79
C ASN B 118 0.28 -23.33 -34.83
N GLN B 119 1.19 -24.27 -34.60
CA GLN B 119 2.43 -24.29 -35.38
C GLN B 119 2.16 -24.58 -36.85
N ALA B 120 1.14 -25.37 -37.15
CA ALA B 120 0.82 -25.66 -38.55
C ALA B 120 0.32 -24.42 -39.29
N ASP B 121 -0.06 -23.36 -38.56
CA ASP B 121 -0.49 -22.11 -39.19
C ASP B 121 0.65 -21.16 -39.50
N ILE B 122 1.87 -21.43 -39.04
CA ILE B 122 3.00 -20.49 -39.13
C ILE B 122 4.04 -21.08 -40.06
N ALA B 123 4.26 -20.45 -41.22
CA ALA B 123 5.25 -21.00 -42.14
C ALA B 123 6.66 -20.68 -41.70
N ARG B 124 6.97 -19.39 -41.54
CA ARG B 124 8.28 -18.91 -41.09
C ARG B 124 8.09 -17.76 -40.12
N LEU B 125 9.07 -17.60 -39.23
CA LEU B 125 8.98 -16.72 -38.07
C LEU B 125 10.21 -15.81 -38.01
N VAL B 126 9.99 -14.51 -37.82
CA VAL B 126 11.07 -13.55 -37.62
C VAL B 126 10.78 -12.74 -36.36
N TYR B 127 11.68 -12.81 -35.39
CA TYR B 127 11.53 -12.11 -34.11
C TYR B 127 12.69 -11.14 -33.93
N MET B 128 12.41 -9.92 -33.51
CA MET B 128 13.50 -8.95 -33.31
C MET B 128 13.28 -8.07 -32.08
N GLN B 129 14.36 -7.90 -31.31
CA GLN B 129 14.47 -6.90 -30.24
C GLN B 129 13.37 -7.02 -29.18
N ALA B 130 13.28 -8.21 -28.58
CA ALA B 130 12.63 -8.36 -27.28
C ALA B 130 12.84 -9.76 -26.74
N PRO B 131 12.97 -9.92 -25.43
CA PRO B 131 12.96 -11.27 -24.86
C PRO B 131 11.58 -11.88 -25.01
N ILE B 132 11.54 -13.17 -25.30
CA ILE B 132 10.31 -13.91 -24.98
C ILE B 132 10.11 -13.85 -23.47
N PRO B 133 8.92 -13.51 -22.96
CA PRO B 133 8.75 -13.41 -21.51
C PRO B 133 9.01 -14.73 -20.82
N ASP B 134 10.13 -14.81 -20.08
CA ASP B 134 10.43 -15.98 -19.29
C ASP B 134 11.32 -15.54 -18.14
N ALA B 135 11.82 -16.51 -17.37
CA ALA B 135 12.53 -16.18 -16.15
C ALA B 135 13.85 -15.47 -16.42
N ARG B 136 14.35 -15.47 -17.66
CA ARG B 136 15.57 -14.74 -17.97
C ARG B 136 15.43 -13.25 -17.70
N ILE B 137 14.22 -12.70 -17.81
CA ILE B 137 14.05 -11.26 -17.64
C ILE B 137 14.25 -10.83 -16.20
N TYR B 138 14.20 -11.75 -15.23
CA TYR B 138 14.41 -11.39 -13.84
C TYR B 138 15.89 -11.18 -13.50
N ARG B 139 16.78 -11.36 -14.46
CA ARG B 139 18.21 -11.14 -14.26
C ARG B 139 18.67 -9.77 -14.72
N PHE B 140 17.96 -9.15 -15.66
CA PHE B 140 18.42 -7.89 -16.24
C PHE B 140 18.64 -6.86 -15.14
N PRO B 141 19.81 -6.22 -15.06
CA PRO B 141 20.07 -5.27 -13.98
C PRO B 141 19.29 -3.97 -14.09
N ALA B 142 18.91 -3.45 -12.91
CA ALA B 142 18.16 -2.21 -12.80
C ALA B 142 18.96 -0.98 -13.21
N PHE B 143 20.28 -1.01 -13.00
CA PHE B 143 21.13 0.18 -13.07
C PHE B 143 22.52 -0.24 -13.54
N THR B 144 23.17 0.59 -14.35
CA THR B 144 24.45 0.24 -14.94
C THR B 144 25.52 1.26 -14.55
N ALA B 145 26.78 0.85 -14.71
CA ALA B 145 27.89 1.76 -14.45
C ALA B 145 27.91 2.94 -15.42
N GLN B 146 27.10 2.93 -16.47
CA GLN B 146 27.01 4.04 -17.41
C GLN B 146 25.76 4.89 -17.19
N GLY B 147 24.87 4.51 -16.26
CA GLY B 147 23.65 5.23 -16.00
C GLY B 147 22.43 4.35 -16.19
N GLU B 148 21.35 4.96 -16.72
CA GLU B 148 20.08 4.26 -16.82
C GLU B 148 20.24 3.01 -17.69
N SER B 149 19.57 1.93 -17.27
CA SER B 149 19.59 0.67 -17.98
C SER B 149 18.55 0.66 -19.09
N LEU B 150 18.58 -0.40 -19.89
CA LEU B 150 17.62 -0.55 -20.98
C LEU B 150 16.30 -1.16 -20.53
N VAL B 151 16.21 -1.62 -19.28
CA VAL B 151 15.11 -2.48 -18.86
C VAL B 151 14.34 -1.95 -17.67
N TRP B 152 14.77 -0.84 -17.05
CA TRP B 152 14.02 -0.33 -15.90
C TRP B 152 12.60 0.06 -16.26
N HIS B 153 12.33 0.33 -17.55
CA HIS B 153 10.96 0.64 -17.95
C HIS B 153 9.99 -0.51 -17.68
N PHE B 154 10.46 -1.76 -17.61
CA PHE B 154 9.57 -2.86 -17.23
C PHE B 154 8.83 -2.54 -15.94
N SER B 155 9.56 -2.07 -14.94
CA SER B 155 8.96 -1.80 -13.64
C SER B 155 8.20 -0.48 -13.61
N PHE B 156 8.72 0.55 -14.28
CA PHE B 156 7.99 1.81 -14.41
C PHE B 156 6.61 1.57 -14.99
N PHE B 157 6.56 0.79 -16.07
CA PHE B 157 5.30 0.59 -16.78
C PHE B 157 4.38 -0.37 -16.02
N ALA B 158 4.95 -1.35 -15.29
CA ALA B 158 4.15 -2.32 -14.56
C ALA B 158 3.62 -1.79 -13.23
N ALA B 159 4.14 -0.66 -12.74
CA ALA B 159 3.72 -0.14 -11.44
C ALA B 159 2.21 0.15 -11.44
N ASP B 160 1.61 0.05 -10.26
CA ASP B 160 0.19 0.35 -10.13
C ASP B 160 -0.06 1.86 -9.93
N ASP B 161 -1.22 2.23 -9.39
CA ASP B 161 -1.64 3.62 -9.23
C ASP B 161 -1.64 4.38 -10.55
N ARG B 162 -1.72 3.67 -11.68
CA ARG B 162 -1.52 4.27 -13.00
C ARG B 162 -0.31 5.20 -12.99
N LEU B 163 0.79 4.74 -12.38
CA LEU B 163 1.97 5.58 -12.20
C LEU B 163 2.44 6.17 -13.52
N ALA B 164 2.62 5.34 -14.53
CA ALA B 164 3.15 5.81 -15.81
C ALA B 164 2.20 6.78 -16.50
N GLU B 165 0.91 6.41 -16.64
CA GLU B 165 -0.05 7.32 -17.28
C GLU B 165 -0.08 8.67 -16.57
N THR B 166 -0.02 8.66 -15.24
CA THR B 166 -0.19 9.89 -14.49
C THR B 166 1.03 10.80 -14.67
N LEU B 167 2.23 10.23 -14.66
CA LEU B 167 3.43 11.06 -14.80
C LEU B 167 3.64 11.48 -16.26
N ILE B 168 3.25 10.64 -17.20
CA ILE B 168 3.56 10.95 -18.60
C ILE B 168 2.51 11.87 -19.22
N ALA B 169 1.28 11.84 -18.72
CA ALA B 169 0.24 12.72 -19.25
C ALA B 169 0.71 14.18 -19.27
N GLY B 170 0.50 14.84 -20.40
CA GLY B 170 0.98 16.20 -20.58
C GLY B 170 2.42 16.32 -21.02
N LYS B 171 3.17 15.21 -20.99
CA LYS B 171 4.58 15.17 -21.39
C LYS B 171 4.81 14.00 -22.34
N GLU B 172 3.82 13.63 -23.15
CA GLU B 172 3.93 12.39 -23.91
C GLU B 172 5.01 12.50 -24.98
N ARG B 173 5.09 13.65 -25.66
CA ARG B 173 6.11 13.83 -26.71
C ARG B 173 7.51 13.87 -26.10
N PHE B 174 7.64 14.52 -24.95
CA PHE B 174 8.93 14.56 -24.25
C PHE B 174 9.39 13.16 -23.87
N PHE B 175 8.50 12.38 -23.27
CA PHE B 175 8.88 11.05 -22.82
C PHE B 175 9.21 10.15 -24.01
N LEU B 176 8.44 10.26 -25.10
CA LEU B 176 8.69 9.39 -26.25
C LEU B 176 10.05 9.68 -26.88
N GLU B 177 10.40 10.95 -27.02
CA GLU B 177 11.74 11.27 -27.52
C GLU B 177 12.80 10.68 -26.60
N HIS B 178 12.58 10.75 -25.29
CA HIS B 178 13.57 10.20 -24.37
C HIS B 178 13.74 8.70 -24.57
N PHE B 179 12.65 7.94 -24.57
CA PHE B 179 12.87 6.49 -24.61
C PHE B 179 13.23 6.00 -26.00
N ILE B 180 12.85 6.74 -27.05
CA ILE B 180 13.35 6.36 -28.37
C ILE B 180 14.85 6.57 -28.44
N LYS B 181 15.30 7.75 -28.03
CA LYS B 181 16.73 8.02 -28.13
C LYS B 181 17.55 7.21 -27.12
N SER B 182 16.97 6.89 -25.95
CA SER B 182 17.72 6.11 -24.97
C SER B 182 17.88 4.66 -25.38
N HIS B 183 17.06 4.17 -26.32
CA HIS B 183 17.21 2.82 -26.83
C HIS B 183 17.73 2.79 -28.27
N ALA B 184 18.21 3.92 -28.77
CA ALA B 184 18.68 4.03 -30.15
C ALA B 184 20.20 4.10 -30.23
N SER B 185 20.75 3.58 -31.32
N SER B 185 20.73 3.59 -31.34
CA SER B 185 22.09 3.96 -31.74
CA SER B 185 22.11 3.84 -31.72
C SER B 185 22.07 5.11 -32.74
C SER B 185 22.23 5.04 -32.66
N ASN B 186 21.13 5.06 -33.69
N ASN B 186 21.40 5.08 -33.71
CA ASN B 186 21.06 6.03 -34.76
CA ASN B 186 21.40 6.20 -34.65
C ASN B 186 19.90 6.97 -34.45
C ASN B 186 20.09 6.97 -34.46
N THR B 187 20.17 8.06 -33.70
CA THR B 187 19.03 8.94 -33.44
C THR B 187 18.70 9.83 -34.63
N GLU B 188 19.59 9.94 -35.62
N GLU B 188 19.59 9.94 -35.62
CA GLU B 188 19.38 10.82 -36.75
CA GLU B 188 19.33 10.84 -36.74
C GLU B 188 18.21 10.36 -37.62
C GLU B 188 18.19 10.37 -37.62
N VAL B 189 17.79 9.09 -37.52
CA VAL B 189 16.74 8.59 -38.41
C VAL B 189 15.36 8.98 -37.94
N PHE B 190 15.23 9.59 -36.75
CA PHE B 190 13.96 9.99 -36.17
C PHE B 190 13.79 11.50 -36.35
N SER B 191 13.05 11.91 -37.37
CA SER B 191 12.76 13.33 -37.56
C SER B 191 11.89 13.84 -36.40
N GLU B 192 11.89 15.16 -36.22
CA GLU B 192 10.97 15.71 -35.22
C GLU B 192 9.53 15.37 -35.58
N ARG B 193 9.21 15.37 -36.88
CA ARG B 193 7.86 15.06 -37.32
CA ARG B 193 7.85 15.05 -37.32
C ARG B 193 7.49 13.60 -37.02
N LEU B 194 8.42 12.67 -37.26
CA LEU B 194 8.10 11.27 -36.96
C LEU B 194 7.80 11.08 -35.48
N LEU B 195 8.60 11.70 -34.61
CA LEU B 195 8.35 11.62 -33.18
C LEU B 195 7.00 12.26 -32.82
N ASP B 196 6.64 13.36 -33.49
CA ASP B 196 5.33 13.97 -33.30
C ASP B 196 4.22 12.98 -33.61
N LEU B 197 4.33 12.23 -34.71
CA LEU B 197 3.27 11.31 -35.10
C LEU B 197 3.12 10.17 -34.11
N TYR B 198 4.24 9.56 -33.70
CA TYR B 198 4.15 8.49 -32.71
C TYR B 198 3.61 9.02 -31.38
N ALA B 199 4.05 10.20 -30.96
CA ALA B 199 3.57 10.74 -29.68
C ALA B 199 2.08 11.03 -29.71
N ARG B 200 1.59 11.57 -30.82
CA ARG B 200 0.17 11.92 -30.86
C ARG B 200 -0.70 10.66 -30.82
N SER B 201 -0.20 9.56 -31.37
CA SER B 201 -0.96 8.32 -31.32
C SER B 201 -0.99 7.75 -29.90
N TYR B 202 0.17 7.56 -29.27
CA TYR B 202 0.09 6.88 -27.98
C TYR B 202 -0.35 7.80 -26.87
N ALA B 203 -0.44 9.11 -27.12
CA ALA B 203 -0.96 10.04 -26.12
C ALA B 203 -2.47 9.91 -25.95
N LYS B 204 -3.18 9.31 -26.91
CA LYS B 204 -4.60 9.05 -26.71
C LYS B 204 -4.78 8.33 -25.38
N PRO B 205 -5.66 8.81 -24.47
CA PRO B 205 -5.71 8.24 -23.13
C PRO B 205 -5.89 6.72 -23.10
N HIS B 206 -6.77 6.16 -23.94
CA HIS B 206 -6.90 4.71 -23.92
C HIS B 206 -5.67 4.01 -24.47
N SER B 207 -4.91 4.69 -25.33
CA SER B 207 -3.70 4.10 -25.90
C SER B 207 -2.52 4.19 -24.94
N LEU B 208 -2.44 5.30 -24.20
CA LEU B 208 -1.41 5.42 -23.18
C LEU B 208 -1.61 4.36 -22.10
N ASN B 209 -2.85 4.17 -21.66
CA ASN B 209 -3.13 3.09 -20.70
C ASN B 209 -2.85 1.73 -21.31
N ALA B 210 -3.33 1.49 -22.54
CA ALA B 210 -3.11 0.18 -23.15
C ALA B 210 -1.63 -0.15 -23.23
N SER B 211 -0.81 0.85 -23.57
CA SER B 211 0.64 0.66 -23.67
C SER B 211 1.19 -0.01 -22.41
N PHE B 212 0.80 0.49 -21.24
CA PHE B 212 1.35 -0.01 -20.00
C PHE B 212 0.63 -1.24 -19.48
N GLU B 213 -0.61 -1.50 -19.91
CA GLU B 213 -1.26 -2.75 -19.49
C GLU B 213 -0.53 -3.97 -20.03
N TYR B 214 0.14 -3.86 -21.19
CA TYR B 214 0.98 -4.97 -21.64
C TYR B 214 2.05 -5.30 -20.60
N TYR B 215 2.58 -4.28 -19.95
CA TYR B 215 3.60 -4.52 -18.94
C TYR B 215 3.00 -4.95 -17.61
N ARG B 216 1.80 -4.44 -17.27
CA ARG B 216 1.15 -4.90 -16.05
C ARG B 216 0.79 -6.38 -16.15
N ALA B 217 0.74 -6.93 -17.37
CA ALA B 217 0.46 -8.35 -17.57
C ALA B 217 1.72 -9.17 -17.78
N LEU B 218 2.91 -8.56 -17.68
CA LEU B 218 4.13 -9.26 -18.08
C LEU B 218 4.39 -10.50 -17.23
N ASN B 219 4.25 -10.38 -15.90
CA ASN B 219 4.48 -11.54 -15.05
C ASN B 219 3.48 -12.65 -15.34
N GLU B 220 2.24 -12.28 -15.66
CA GLU B 220 1.27 -13.30 -16.07
C GLU B 220 1.71 -13.97 -17.36
N SER B 221 2.26 -13.20 -18.30
CA SER B 221 2.74 -13.78 -19.56
C SER B 221 3.91 -14.73 -19.31
N VAL B 222 4.83 -14.35 -18.41
CA VAL B 222 5.92 -15.25 -18.03
C VAL B 222 5.36 -16.57 -17.51
N ARG B 223 4.37 -16.50 -16.61
CA ARG B 223 3.80 -17.72 -16.05
C ARG B 223 3.11 -18.55 -17.12
N GLN B 224 2.39 -17.90 -18.05
CA GLN B 224 1.78 -18.60 -19.17
C GLN B 224 2.84 -19.29 -20.01
N ASN B 225 3.92 -18.59 -20.33
CA ASN B 225 4.94 -19.15 -21.22
C ASN B 225 5.71 -20.29 -20.58
N ALA B 226 5.76 -20.35 -19.24
CA ALA B 226 6.42 -21.46 -18.57
C ALA B 226 5.81 -22.79 -18.99
N GLU B 227 4.48 -22.82 -19.14
CA GLU B 227 3.81 -24.02 -19.62
C GLU B 227 3.92 -24.17 -21.13
N LEU B 228 3.69 -23.10 -21.89
CA LEU B 228 3.70 -23.21 -23.34
C LEU B 228 5.05 -23.70 -23.85
N ALA B 229 6.14 -23.28 -23.20
CA ALA B 229 7.47 -23.54 -23.73
C ALA B 229 7.88 -25.01 -23.60
N LYS B 230 7.05 -25.85 -22.99
CA LYS B 230 7.30 -27.29 -23.03
C LYS B 230 7.19 -27.85 -24.44
N THR B 231 6.63 -27.09 -25.39
CA THR B 231 6.55 -27.48 -26.80
C THR B 231 7.49 -26.58 -27.61
N ARG B 232 8.53 -27.18 -28.18
CA ARG B 232 9.50 -26.44 -28.99
C ARG B 232 8.89 -25.96 -30.31
N LEU B 233 9.36 -24.80 -30.79
CA LEU B 233 8.98 -24.31 -32.11
C LEU B 233 9.72 -25.09 -33.19
N GLN B 234 8.99 -25.54 -34.22
CA GLN B 234 9.57 -26.36 -35.28
C GLN B 234 9.73 -25.65 -36.62
N MET B 235 9.12 -24.47 -36.82
CA MET B 235 9.20 -23.81 -38.12
C MET B 235 10.51 -23.04 -38.26
N PRO B 236 10.93 -22.77 -39.50
CA PRO B 236 12.14 -21.96 -39.71
C PRO B 236 11.99 -20.59 -39.06
N THR B 237 12.99 -20.21 -38.26
CA THR B 237 12.99 -18.98 -37.48
C THR B 237 14.26 -18.18 -37.75
N MET B 238 14.11 -16.85 -37.77
CA MET B 238 15.24 -15.94 -37.80
C MET B 238 15.08 -14.92 -36.69
N THR B 239 16.15 -14.63 -35.97
CA THR B 239 16.19 -13.52 -35.03
C THR B 239 17.07 -12.40 -35.56
N LEU B 240 16.73 -11.17 -35.17
CA LEU B 240 17.54 -10.00 -35.46
C LEU B 240 17.69 -9.21 -34.18
N ALA B 241 18.86 -8.60 -33.98
CA ALA B 241 19.07 -7.75 -32.83
C ALA B 241 20.10 -6.68 -33.21
N GLY B 242 19.99 -5.52 -32.56
CA GLY B 242 21.00 -4.50 -32.76
C GLY B 242 22.29 -4.82 -32.02
N GLY B 243 23.40 -4.40 -32.63
CA GLY B 243 24.70 -4.54 -32.00
C GLY B 243 25.16 -3.30 -31.27
N GLY B 244 24.50 -2.16 -31.49
CA GLY B 244 24.90 -0.92 -30.85
C GLY B 244 24.08 -0.62 -29.61
N HIS B 245 24.21 0.61 -29.12
CA HIS B 245 23.48 1.05 -27.94
C HIS B 245 21.97 0.87 -28.15
N GLY B 246 21.33 0.22 -27.18
CA GLY B 246 19.93 -0.14 -27.31
C GLY B 246 19.70 -1.53 -27.87
N GLY B 247 20.71 -2.13 -28.50
CA GLY B 247 20.54 -3.45 -29.05
C GLY B 247 20.69 -4.55 -28.02
N MET B 248 20.05 -5.68 -28.30
CA MET B 248 20.13 -6.83 -27.42
C MET B 248 21.32 -7.74 -27.72
N GLY B 249 22.06 -7.49 -28.80
CA GLY B 249 23.24 -8.30 -29.07
C GLY B 249 22.90 -9.77 -29.21
N THR B 250 23.75 -10.61 -28.63
CA THR B 250 23.62 -12.06 -28.78
C THR B 250 22.46 -12.65 -28.00
N PHE B 251 21.86 -11.89 -27.07
CA PHE B 251 20.79 -12.45 -26.25
C PHE B 251 19.63 -12.96 -27.10
N GLN B 252 19.31 -12.25 -28.19
CA GLN B 252 18.11 -12.59 -28.95
C GLN B 252 18.21 -14.00 -29.52
N LEU B 253 19.30 -14.29 -30.23
CA LEU B 253 19.49 -15.61 -30.79
C LEU B 253 19.70 -16.66 -29.70
N GLU B 254 20.47 -16.32 -28.66
CA GLU B 254 20.78 -17.32 -27.64
C GLU B 254 19.53 -17.74 -26.88
N GLN B 255 18.64 -16.80 -26.55
CA GLN B 255 17.36 -17.21 -25.97
C GLN B 255 16.55 -18.05 -26.96
N MET B 256 16.48 -17.60 -28.21
CA MET B 256 15.64 -18.29 -29.19
C MET B 256 16.09 -19.73 -29.41
N LYS B 257 17.40 -20.02 -29.26
CA LYS B 257 17.86 -21.39 -29.39
C LYS B 257 17.20 -22.31 -28.37
N ALA B 258 16.78 -21.77 -27.22
CA ALA B 258 16.10 -22.59 -26.22
C ALA B 258 14.65 -22.86 -26.60
N TYR B 259 14.10 -22.10 -27.55
CA TYR B 259 12.71 -22.24 -27.95
C TYR B 259 12.51 -22.89 -29.31
N ALA B 260 13.49 -22.80 -30.20
CA ALA B 260 13.28 -23.17 -31.61
C ALA B 260 14.38 -24.12 -32.07
N GLU B 261 13.97 -25.18 -32.78
CA GLU B 261 14.91 -26.18 -33.29
C GLU B 261 15.70 -25.66 -34.49
N ASP B 262 15.07 -24.83 -35.32
CA ASP B 262 15.63 -24.38 -36.60
C ASP B 262 15.68 -22.86 -36.59
N VAL B 263 16.80 -22.30 -36.13
CA VAL B 263 16.90 -20.85 -35.99
C VAL B 263 18.26 -20.37 -36.46
N GLU B 264 18.25 -19.24 -37.14
CA GLU B 264 19.44 -18.48 -37.50
C GLU B 264 19.27 -17.07 -36.96
N GLY B 265 20.39 -16.41 -36.68
CA GLY B 265 20.32 -15.09 -36.08
C GLY B 265 21.36 -14.16 -36.65
N HIS B 266 21.06 -12.86 -36.59
CA HIS B 266 22.00 -11.83 -36.98
C HIS B 266 21.97 -10.70 -35.97
N VAL B 267 23.14 -10.13 -35.72
CA VAL B 267 23.31 -8.93 -34.92
C VAL B 267 23.80 -7.84 -35.86
N LEU B 268 23.11 -6.69 -35.86
CA LEU B 268 23.40 -5.63 -36.83
C LEU B 268 24.25 -4.55 -36.19
N PRO B 269 25.54 -4.45 -36.53
CA PRO B 269 26.39 -3.42 -35.93
C PRO B 269 25.91 -2.03 -36.32
N GLY B 270 26.03 -1.09 -35.39
CA GLY B 270 25.65 0.28 -35.66
C GLY B 270 24.16 0.56 -35.55
N CYS B 271 23.41 -0.38 -34.96
CA CYS B 271 21.96 -0.32 -34.85
C CYS B 271 21.56 -0.59 -33.42
N GLY B 272 20.55 0.14 -32.94
CA GLY B 272 20.04 -0.09 -31.60
C GLY B 272 18.77 -0.92 -31.57
N HIS B 273 17.76 -0.42 -30.85
CA HIS B 273 16.52 -1.17 -30.70
C HIS B 273 15.60 -1.04 -31.91
N TRP B 274 15.59 0.13 -32.56
CA TRP B 274 14.54 0.48 -33.53
C TRP B 274 14.94 0.05 -34.95
N LEU B 275 15.14 -1.26 -35.10
CA LEU B 275 15.75 -1.76 -36.32
C LEU B 275 15.06 -1.33 -37.61
N PRO B 276 13.73 -1.35 -37.73
CA PRO B 276 13.11 -0.95 -39.01
C PRO B 276 13.43 0.48 -39.41
N GLU B 277 13.72 1.36 -38.44
CA GLU B 277 14.07 2.75 -38.72
C GLU B 277 15.57 3.02 -38.70
N GLU B 278 16.28 2.49 -37.71
CA GLU B 278 17.72 2.73 -37.62
C GLU B 278 18.50 2.00 -38.70
N CYS B 279 18.02 0.84 -39.12
CA CYS B 279 18.77 -0.01 -40.03
C CYS B 279 17.79 -0.62 -41.03
N ALA B 280 17.02 0.27 -41.67
CA ALA B 280 15.96 -0.14 -42.59
C ALA B 280 16.50 -1.01 -43.72
N ALA B 281 17.54 -0.56 -44.42
CA ALA B 281 17.99 -1.31 -45.60
C ALA B 281 18.47 -2.71 -45.24
N PRO B 282 19.43 -2.90 -44.32
CA PRO B 282 19.87 -4.28 -44.05
C PRO B 282 18.81 -5.12 -43.38
N MET B 283 17.99 -4.52 -42.51
CA MET B 283 16.91 -5.30 -41.88
C MET B 283 15.92 -5.79 -42.92
N ASN B 284 15.49 -4.89 -43.82
CA ASN B 284 14.56 -5.28 -44.87
C ASN B 284 15.14 -6.39 -45.72
N ARG B 285 16.42 -6.26 -46.08
CA ARG B 285 17.06 -7.27 -46.90
C ARG B 285 17.04 -8.63 -46.22
N LEU B 286 17.40 -8.68 -44.93
CA LEU B 286 17.47 -9.96 -44.25
C LEU B 286 16.09 -10.60 -44.12
N VAL B 287 15.07 -9.78 -43.84
CA VAL B 287 13.71 -10.30 -43.70
C VAL B 287 13.19 -10.79 -45.06
N ILE B 288 13.38 -9.98 -46.11
CA ILE B 288 12.87 -10.35 -47.43
C ILE B 288 13.52 -11.65 -47.90
N ASP B 289 14.85 -11.74 -47.74
CA ASP B 289 15.54 -12.95 -48.20
C ASP B 289 15.14 -14.17 -47.38
N PHE B 290 14.99 -14.01 -46.07
CA PHE B 290 14.61 -15.16 -45.25
C PHE B 290 13.22 -15.67 -45.61
N LEU B 291 12.26 -14.74 -45.78
CA LEU B 291 10.91 -15.18 -46.13
C LEU B 291 10.82 -15.67 -47.58
N SER B 292 11.75 -15.27 -48.45
CA SER B 292 11.62 -15.65 -49.85
C SER B 292 12.26 -17.00 -50.17
N ARG B 293 12.96 -17.61 -49.23
CA ARG B 293 13.55 -18.93 -49.48
C ARG B 293 12.52 -20.02 -49.66
N ALA C 1 -24.46 -10.76 -20.26
CA ALA C 1 -23.36 -9.90 -19.82
C ALA C 1 -22.46 -10.65 -18.84
N GLU C 2 -21.18 -10.31 -18.85
CA GLU C 2 -20.18 -10.94 -17.99
C GLU C 2 -19.44 -9.84 -17.26
N GLU C 3 -19.43 -9.92 -15.92
CA GLU C 3 -18.71 -8.94 -15.13
C GLU C 3 -17.20 -9.09 -15.28
N PHE C 4 -16.71 -10.29 -15.54
CA PHE C 4 -15.27 -10.57 -15.64
C PHE C 4 -15.00 -11.47 -16.84
N PRO C 5 -13.84 -11.33 -17.48
CA PRO C 5 -13.57 -12.12 -18.69
C PRO C 5 -13.38 -13.59 -18.39
N VAL C 6 -14.10 -14.43 -19.10
CA VAL C 6 -13.99 -15.87 -18.91
C VAL C 6 -12.73 -16.36 -19.60
N PRO C 7 -11.90 -17.18 -18.95
CA PRO C 7 -10.71 -17.70 -19.63
C PRO C 7 -11.12 -18.54 -20.84
N ASN C 8 -10.23 -18.58 -21.82
CA ASN C 8 -10.49 -19.34 -23.03
C ASN C 8 -10.81 -20.80 -22.70
N GLY C 9 -11.85 -21.33 -23.33
CA GLY C 9 -12.23 -22.70 -23.12
C GLY C 9 -13.11 -22.96 -21.92
N PHE C 10 -13.45 -21.93 -21.15
CA PHE C 10 -14.37 -22.05 -20.03
C PHE C 10 -15.73 -21.49 -20.44
N GLU C 11 -16.76 -21.90 -19.69
CA GLU C 11 -18.12 -21.43 -19.92
C GLU C 11 -18.62 -20.70 -18.67
N SER C 12 -19.33 -19.61 -18.89
CA SER C 12 -20.06 -18.91 -17.82
C SER C 12 -21.51 -19.37 -17.91
N ALA C 13 -22.05 -19.86 -16.79
CA ALA C 13 -23.39 -20.46 -16.82
C ALA C 13 -24.04 -20.23 -15.47
N TYR C 14 -25.30 -20.66 -15.36
CA TYR C 14 -26.07 -20.52 -14.13
C TYR C 14 -26.76 -21.83 -13.82
N ARG C 15 -26.96 -22.09 -12.53
CA ARG C 15 -27.77 -23.24 -12.12
C ARG C 15 -28.64 -22.83 -10.95
N GLU C 16 -29.93 -23.12 -11.06
CA GLU C 16 -30.86 -22.90 -9.97
C GLU C 16 -30.67 -23.97 -8.92
N VAL C 17 -30.44 -23.57 -7.67
CA VAL C 17 -30.25 -24.48 -6.55
C VAL C 17 -31.15 -23.99 -5.42
N ASP C 18 -32.12 -24.82 -5.04
CA ASP C 18 -33.08 -24.47 -3.98
C ASP C 18 -33.65 -23.07 -4.20
N GLY C 19 -34.10 -22.83 -5.44
CA GLY C 19 -34.70 -21.55 -5.78
C GLY C 19 -33.75 -20.38 -5.93
N VAL C 20 -32.44 -20.60 -5.88
CA VAL C 20 -31.45 -19.53 -5.97
C VAL C 20 -30.63 -19.76 -7.24
N LYS C 21 -30.57 -18.74 -8.10
CA LYS C 21 -29.82 -18.87 -9.35
C LYS C 21 -28.36 -18.54 -9.08
N LEU C 22 -27.48 -19.55 -9.17
CA LEU C 22 -26.06 -19.37 -8.90
C LEU C 22 -25.29 -19.24 -10.20
N HIS C 23 -24.40 -18.26 -10.25
CA HIS C 23 -23.48 -18.13 -11.37
C HIS C 23 -22.20 -18.93 -11.12
N TYR C 24 -21.68 -19.56 -12.17
CA TYR C 24 -20.39 -20.23 -12.05
C TYR C 24 -19.68 -20.18 -13.40
N VAL C 25 -18.37 -20.41 -13.34
CA VAL C 25 -17.52 -20.57 -14.52
C VAL C 25 -16.93 -21.96 -14.42
N LYS C 26 -17.00 -22.73 -15.52
CA LYS C 26 -16.65 -24.14 -15.51
C LYS C 26 -15.81 -24.49 -16.72
N GLY C 27 -14.83 -25.38 -16.51
CA GLY C 27 -14.03 -25.83 -17.63
C GLY C 27 -13.24 -27.07 -17.25
N GLY C 28 -12.67 -27.70 -18.27
CA GLY C 28 -11.81 -28.84 -18.03
C GLY C 28 -12.56 -30.15 -18.01
N GLN C 29 -11.82 -31.20 -17.64
CA GLN C 29 -12.31 -32.56 -17.68
C GLN C 29 -11.63 -33.37 -16.58
N GLY C 30 -12.35 -34.35 -16.04
CA GLY C 30 -11.82 -35.18 -14.98
C GLY C 30 -12.58 -34.96 -13.68
N PRO C 31 -12.03 -35.46 -12.56
CA PRO C 31 -12.68 -35.23 -11.27
C PRO C 31 -12.92 -33.75 -11.02
N LEU C 32 -13.96 -33.45 -10.26
CA LEU C 32 -14.37 -32.07 -10.03
C LEU C 32 -13.57 -31.40 -8.91
N VAL C 33 -13.15 -30.16 -9.15
CA VAL C 33 -12.64 -29.27 -8.12
C VAL C 33 -13.50 -28.02 -8.10
N MET C 34 -13.97 -27.64 -6.91
CA MET C 34 -14.75 -26.43 -6.75
C MET C 34 -13.89 -25.39 -6.01
N LEU C 35 -13.85 -24.17 -6.54
CA LEU C 35 -13.04 -23.08 -5.98
C LEU C 35 -13.99 -21.98 -5.51
N VAL C 36 -13.90 -21.61 -4.23
CA VAL C 36 -14.88 -20.71 -3.62
C VAL C 36 -14.16 -19.45 -3.12
N HIS C 37 -14.53 -18.31 -3.71
CA HIS C 37 -13.91 -17.02 -3.48
C HIS C 37 -14.37 -16.43 -2.15
N GLY C 38 -13.83 -15.25 -1.81
CA GLY C 38 -14.19 -14.59 -0.58
C GLY C 38 -14.62 -13.14 -0.75
N PHE C 39 -14.59 -12.40 0.35
CA PHE C 39 -15.15 -11.04 0.38
C PHE C 39 -14.35 -10.10 -0.51
N GLY C 40 -15.08 -9.20 -1.19
CA GLY C 40 -14.49 -8.22 -2.06
C GLY C 40 -14.22 -8.72 -3.46
N GLN C 41 -14.42 -10.01 -3.71
CA GLN C 41 -14.06 -10.61 -4.97
C GLN C 41 -15.20 -11.51 -5.44
N THR C 42 -14.90 -12.30 -6.47
CA THR C 42 -15.83 -13.15 -7.20
C THR C 42 -15.05 -14.37 -7.65
N TRP C 43 -15.68 -15.20 -8.48
CA TRP C 43 -14.99 -16.32 -9.11
C TRP C 43 -13.67 -15.89 -9.76
N TYR C 44 -13.60 -14.63 -10.22
CA TYR C 44 -12.45 -14.17 -11.00
C TYR C 44 -11.14 -14.23 -10.25
N GLU C 45 -11.14 -14.22 -8.91
CA GLU C 45 -9.85 -14.34 -8.24
C GLU C 45 -9.11 -15.62 -8.65
N TRP C 46 -9.83 -16.63 -9.12
CA TRP C 46 -9.27 -17.93 -9.49
C TRP C 46 -8.87 -18.03 -10.97
N HIS C 47 -8.96 -16.95 -11.74
CA HIS C 47 -8.91 -17.13 -13.20
C HIS C 47 -7.52 -17.51 -13.70
N GLN C 48 -6.47 -17.27 -12.92
CA GLN C 48 -5.14 -17.69 -13.34
C GLN C 48 -4.85 -19.14 -12.96
N LEU C 49 -5.46 -19.60 -11.86
CA LEU C 49 -5.31 -20.98 -11.44
C LEU C 49 -6.17 -21.93 -12.27
N MET C 50 -7.33 -21.46 -12.74
CA MET C 50 -8.30 -22.33 -13.38
C MET C 50 -7.77 -23.03 -14.64
N PRO C 51 -7.11 -22.35 -15.60
CA PRO C 51 -6.63 -23.07 -16.79
C PRO C 51 -5.61 -24.16 -16.46
N GLU C 52 -4.77 -23.94 -15.44
CA GLU C 52 -3.79 -24.96 -15.08
C GLU C 52 -4.45 -26.17 -14.44
N LEU C 53 -5.42 -25.94 -13.54
CA LEU C 53 -6.15 -27.05 -12.94
C LEU C 53 -6.98 -27.80 -13.98
N ALA C 54 -7.51 -27.07 -14.97
CA ALA C 54 -8.38 -27.70 -15.96
C ALA C 54 -7.65 -28.68 -16.86
N LYS C 55 -6.32 -28.73 -16.80
CA LYS C 55 -5.60 -29.74 -17.57
C LYS C 55 -5.78 -31.13 -16.96
N ARG C 56 -6.14 -31.22 -15.68
CA ARG C 56 -6.32 -32.48 -14.99
C ARG C 56 -7.69 -32.67 -14.38
N PHE C 57 -8.44 -31.59 -14.13
CA PHE C 57 -9.70 -31.65 -13.41
C PHE C 57 -10.80 -30.91 -14.17
N THR C 58 -12.04 -31.27 -13.84
CA THR C 58 -13.18 -30.40 -14.12
C THR C 58 -13.21 -29.34 -13.03
N VAL C 59 -13.20 -28.07 -13.42
CA VAL C 59 -13.07 -26.96 -12.47
C VAL C 59 -14.34 -26.13 -12.52
N ILE C 60 -14.93 -25.87 -11.36
N ILE C 60 -14.91 -25.85 -11.36
CA ILE C 60 -16.07 -24.96 -11.25
CA ILE C 60 -16.08 -24.98 -11.24
C ILE C 60 -15.76 -23.90 -10.21
C ILE C 60 -15.77 -23.91 -10.20
N ALA C 61 -16.07 -22.66 -10.53
CA ALA C 61 -15.84 -21.53 -9.64
C ALA C 61 -17.14 -20.74 -9.55
N PRO C 62 -17.92 -20.94 -8.50
CA PRO C 62 -19.18 -20.21 -8.37
C PRO C 62 -18.99 -18.84 -7.75
N ASP C 63 -19.95 -17.96 -7.99
CA ASP C 63 -20.09 -16.74 -7.21
C ASP C 63 -20.93 -17.06 -5.97
N LEU C 64 -20.45 -16.64 -4.80
CA LEU C 64 -21.17 -16.81 -3.55
C LEU C 64 -22.55 -16.15 -3.64
N PRO C 65 -23.57 -16.72 -2.98
CA PRO C 65 -24.91 -16.14 -3.07
C PRO C 65 -24.91 -14.65 -2.77
N GLY C 66 -25.52 -13.88 -3.67
CA GLY C 66 -25.63 -12.45 -3.56
C GLY C 66 -24.46 -11.67 -4.13
N LEU C 67 -23.32 -12.33 -4.34
CA LEU C 67 -22.10 -11.72 -4.87
C LEU C 67 -21.89 -12.14 -6.32
N GLY C 68 -21.00 -11.41 -7.00
CA GLY C 68 -20.84 -11.63 -8.42
C GLY C 68 -22.19 -11.59 -9.12
N GLN C 69 -22.45 -12.61 -9.94
CA GLN C 69 -23.71 -12.71 -10.66
C GLN C 69 -24.65 -13.75 -10.03
N SER C 70 -24.44 -14.13 -8.78
CA SER C 70 -25.33 -15.06 -8.09
C SER C 70 -26.41 -14.32 -7.32
N GLU C 71 -27.63 -14.88 -7.34
CA GLU C 71 -28.73 -14.33 -6.57
C GLU C 71 -28.48 -14.50 -5.08
N PRO C 72 -29.04 -13.61 -4.26
CA PRO C 72 -28.92 -13.74 -2.81
C PRO C 72 -29.53 -15.05 -2.33
N PRO C 73 -29.08 -15.56 -1.18
CA PRO C 73 -29.69 -16.78 -0.64
C PRO C 73 -31.12 -16.49 -0.19
N LYS C 74 -31.96 -17.51 -0.27
CA LYS C 74 -33.32 -17.40 0.23
C LYS C 74 -33.46 -17.81 1.68
N THR C 75 -32.53 -18.62 2.19
CA THR C 75 -32.62 -19.04 3.59
C THR C 75 -31.93 -18.01 4.49
N GLY C 76 -30.65 -17.79 4.28
CA GLY C 76 -29.90 -16.87 5.13
C GLY C 76 -28.42 -16.98 4.80
N TYR C 77 -27.63 -16.22 5.57
CA TYR C 77 -26.21 -16.05 5.25
C TYR C 77 -25.29 -16.75 6.25
N SER C 78 -25.83 -17.52 7.19
CA SER C 78 -24.95 -18.28 8.07
C SER C 78 -24.23 -19.35 7.26
N GLY C 79 -23.12 -19.83 7.82
CA GLY C 79 -22.29 -20.77 7.08
C GLY C 79 -23.02 -22.04 6.72
N GLU C 80 -23.83 -22.55 7.65
CA GLU C 80 -24.55 -23.79 7.39
C GLU C 80 -25.60 -23.60 6.29
N GLN C 81 -26.24 -22.43 6.27
CA GLN C 81 -27.26 -22.18 5.25
C GLN C 81 -26.65 -22.03 3.87
N VAL C 82 -25.56 -21.27 3.78
CA VAL C 82 -24.96 -21.05 2.46
C VAL C 82 -24.30 -22.33 1.97
N ALA C 83 -23.73 -23.12 2.89
CA ALA C 83 -23.03 -24.34 2.49
C ALA C 83 -23.95 -25.30 1.74
N VAL C 84 -25.25 -25.30 2.09
CA VAL C 84 -26.19 -26.17 1.39
C VAL C 84 -26.19 -25.87 -0.10
N TYR C 85 -26.25 -24.58 -0.45
CA TYR C 85 -26.27 -24.20 -1.85
C TYR C 85 -25.00 -24.70 -2.56
N LEU C 86 -23.85 -24.50 -1.92
CA LEU C 86 -22.60 -24.84 -2.61
C LEU C 86 -22.41 -26.35 -2.70
N HIS C 87 -22.88 -27.10 -1.70
CA HIS C 87 -22.77 -28.55 -1.75
C HIS C 87 -23.68 -29.13 -2.83
N LYS C 88 -24.93 -28.65 -2.90
CA LYS C 88 -25.84 -29.15 -3.92
C LYS C 88 -25.34 -28.77 -5.32
N LEU C 89 -24.78 -27.57 -5.46
CA LEU C 89 -24.25 -27.17 -6.77
C LEU C 89 -23.15 -28.13 -7.20
N ALA C 90 -22.19 -28.37 -6.31
CA ALA C 90 -21.09 -29.29 -6.63
C ALA C 90 -21.63 -30.68 -6.96
N ARG C 91 -22.60 -31.16 -6.20
CA ARG C 91 -23.09 -32.52 -6.41
C ARG C 91 -23.91 -32.66 -7.68
N GLN C 92 -24.41 -31.56 -8.25
CA GLN C 92 -25.04 -31.67 -9.58
C GLN C 92 -24.01 -32.06 -10.63
N PHE C 93 -22.78 -31.61 -10.47
CA PHE C 93 -21.72 -31.91 -11.43
C PHE C 93 -20.93 -33.16 -11.07
N SER C 94 -20.91 -33.56 -9.80
CA SER C 94 -20.21 -34.76 -9.35
C SER C 94 -21.13 -35.60 -8.48
N PRO C 95 -22.22 -36.16 -9.04
CA PRO C 95 -23.20 -36.84 -8.20
C PRO C 95 -22.72 -38.17 -7.67
N ASP C 96 -21.77 -38.83 -8.33
CA ASP C 96 -21.37 -40.19 -8.01
C ASP C 96 -19.96 -40.31 -7.47
N ARG C 97 -19.25 -39.19 -7.26
CA ARG C 97 -17.86 -39.26 -6.86
C ARG C 97 -17.56 -38.10 -5.93
N PRO C 98 -16.58 -38.25 -5.04
CA PRO C 98 -16.15 -37.11 -4.22
C PRO C 98 -15.48 -36.05 -5.08
N PHE C 99 -15.55 -34.80 -4.62
CA PHE C 99 -14.91 -33.69 -5.30
C PHE C 99 -13.93 -33.00 -4.35
N ASP C 100 -13.02 -32.22 -4.93
CA ASP C 100 -12.06 -31.40 -4.18
C ASP C 100 -12.61 -29.99 -3.96
N LEU C 101 -12.14 -29.35 -2.88
CA LEU C 101 -12.60 -28.02 -2.53
C LEU C 101 -11.42 -27.13 -2.20
N VAL C 102 -11.40 -25.93 -2.79
CA VAL C 102 -10.45 -24.88 -2.46
C VAL C 102 -11.27 -23.64 -2.07
N ALA C 103 -10.92 -23.01 -0.95
CA ALA C 103 -11.73 -21.88 -0.48
C ALA C 103 -10.82 -20.83 0.14
N HIS C 104 -11.22 -19.56 -0.03
CA HIS C 104 -10.47 -18.38 0.37
C HIS C 104 -11.38 -17.46 1.18
N ASP C 105 -10.89 -16.99 2.33
CA ASP C 105 -11.59 -15.94 3.10
C ASP C 105 -12.97 -16.48 3.48
N ILE C 106 -14.06 -15.75 3.27
CA ILE C 106 -15.36 -16.25 3.73
C ILE C 106 -15.83 -17.46 2.94
N GLY C 107 -15.13 -17.81 1.85
CA GLY C 107 -15.38 -19.11 1.23
C GLY C 107 -15.24 -20.27 2.21
N ILE C 108 -14.34 -20.14 3.19
CA ILE C 108 -14.18 -21.14 4.24
C ILE C 108 -15.44 -21.19 5.11
N TRP C 109 -15.91 -20.03 5.56
CA TRP C 109 -17.10 -19.97 6.39
C TRP C 109 -18.27 -20.66 5.73
N ASN C 110 -18.39 -20.49 4.43
CA ASN C 110 -19.54 -20.93 3.66
C ASN C 110 -19.38 -22.34 3.12
N THR C 111 -18.27 -23.02 3.41
CA THR C 111 -18.09 -24.40 2.98
C THR C 111 -17.81 -25.36 4.13
N TYR C 112 -17.24 -24.88 5.24
CA TYR C 112 -16.91 -25.81 6.32
C TYR C 112 -18.10 -26.66 6.77
N PRO C 113 -19.30 -26.12 6.99
CA PRO C 113 -20.40 -26.99 7.42
C PRO C 113 -20.72 -28.11 6.45
N MET C 114 -20.66 -27.86 5.13
CA MET C 114 -21.00 -28.97 4.24
C MET C 114 -19.86 -29.97 4.14
N VAL C 115 -18.63 -29.54 4.40
CA VAL C 115 -17.51 -30.48 4.46
C VAL C 115 -17.69 -31.43 5.64
N VAL C 116 -17.99 -30.88 6.82
CA VAL C 116 -18.04 -31.74 8.00
C VAL C 116 -19.31 -32.58 7.99
N LYS C 117 -20.39 -32.10 7.38
CA LYS C 117 -21.62 -32.89 7.35
C LYS C 117 -21.65 -33.90 6.22
N ASN C 118 -20.75 -33.80 5.25
CA ASN C 118 -20.72 -34.67 4.07
C ASN C 118 -19.30 -35.11 3.77
N GLN C 119 -18.59 -35.65 4.77
CA GLN C 119 -17.16 -35.89 4.63
C GLN C 119 -16.84 -36.82 3.46
N ALA C 120 -17.69 -37.82 3.20
CA ALA C 120 -17.42 -38.74 2.10
C ALA C 120 -17.51 -38.06 0.74
N ASP C 121 -18.13 -36.89 0.65
CA ASP C 121 -18.22 -36.16 -0.63
C ASP C 121 -16.99 -35.33 -0.95
N ILE C 122 -16.07 -35.14 0.00
CA ILE C 122 -14.92 -34.25 -0.15
C ILE C 122 -13.66 -35.11 -0.24
N ALA C 123 -13.01 -35.11 -1.40
CA ALA C 123 -11.79 -35.91 -1.55
C ALA C 123 -10.61 -35.25 -0.86
N ARG C 124 -10.30 -34.01 -1.23
CA ARG C 124 -9.20 -33.25 -0.64
C ARG C 124 -9.65 -31.81 -0.46
N LEU C 125 -9.04 -31.12 0.50
CA LEU C 125 -9.51 -29.81 0.94
C LEU C 125 -8.33 -28.84 1.03
N VAL C 126 -8.49 -27.62 0.50
CA VAL C 126 -7.51 -26.56 0.62
C VAL C 126 -8.21 -25.30 1.14
N TYR C 127 -7.73 -24.77 2.26
CA TYR C 127 -8.29 -23.56 2.87
C TYR C 127 -7.22 -22.49 3.00
N MET C 128 -7.54 -21.24 2.62
CA MET C 128 -6.54 -20.17 2.71
C MET C 128 -7.15 -18.88 3.27
N GLN C 129 -6.43 -18.27 4.21
CA GLN C 129 -6.69 -16.90 4.66
C GLN C 129 -8.11 -16.67 5.17
N ALA C 130 -8.51 -17.49 6.14
CA ALA C 130 -9.62 -17.12 7.00
C ALA C 130 -9.67 -18.06 8.19
N PRO C 131 -10.07 -17.58 9.36
CA PRO C 131 -10.35 -18.49 10.48
C PRO C 131 -11.68 -19.18 10.23
N ILE C 132 -11.73 -20.47 10.57
CA ILE C 132 -13.05 -21.08 10.67
C ILE C 132 -13.79 -20.40 11.81
N PRO C 133 -15.06 -20.00 11.63
CA PRO C 133 -15.72 -19.24 12.71
C PRO C 133 -15.87 -20.07 13.98
N ASP C 134 -15.21 -19.63 15.04
CA ASP C 134 -15.35 -20.25 16.35
C ASP C 134 -14.99 -19.19 17.41
N ALA C 135 -14.91 -19.63 18.67
CA ALA C 135 -14.71 -18.70 19.78
C ALA C 135 -13.38 -17.97 19.71
N ARG C 136 -12.41 -18.46 18.93
CA ARG C 136 -11.13 -17.76 18.79
C ARG C 136 -11.32 -16.36 18.23
N ILE C 137 -12.33 -16.14 17.38
CA ILE C 137 -12.47 -14.81 16.80
C ILE C 137 -12.84 -13.76 17.84
N TYR C 138 -13.31 -14.17 19.02
CA TYR C 138 -13.66 -13.18 20.04
C TYR C 138 -12.45 -12.66 20.80
N ARG C 139 -11.26 -13.18 20.52
CA ARG C 139 -10.05 -12.71 21.18
C ARG C 139 -9.18 -11.85 20.27
N PHE C 140 -9.42 -11.86 18.95
CA PHE C 140 -8.59 -11.08 18.04
C PHE C 140 -8.63 -9.60 18.44
N PRO C 141 -7.49 -8.93 18.52
CA PRO C 141 -7.50 -7.53 18.98
C PRO C 141 -8.07 -6.58 17.96
N ALA C 142 -8.72 -5.53 18.48
CA ALA C 142 -9.32 -4.48 17.67
C ALA C 142 -8.29 -3.51 17.11
N PHE C 143 -7.15 -3.38 17.78
CA PHE C 143 -6.18 -2.32 17.48
C PHE C 143 -4.78 -2.85 17.79
N THR C 144 -3.83 -2.65 16.88
CA THR C 144 -2.48 -3.19 17.02
C THR C 144 -1.43 -2.09 17.12
N ALA C 145 -0.31 -2.44 17.76
CA ALA C 145 0.80 -1.50 17.94
C ALA C 145 1.45 -1.16 16.62
N GLN C 146 1.39 -2.08 15.66
CA GLN C 146 2.04 -1.96 14.35
C GLN C 146 1.12 -2.59 13.31
N GLY C 147 1.26 -2.12 12.07
CA GLY C 147 0.30 -2.58 11.11
C GLY C 147 -1.11 -2.13 11.50
N GLU C 148 -2.10 -2.90 11.08
CA GLU C 148 -3.46 -2.65 11.52
C GLU C 148 -4.10 -3.99 11.87
N SER C 149 -5.09 -3.94 12.75
CA SER C 149 -5.89 -5.10 13.04
C SER C 149 -6.47 -5.68 11.75
N LEU C 150 -6.26 -6.98 11.54
CA LEU C 150 -6.87 -7.67 10.41
C LEU C 150 -8.35 -7.92 10.61
N VAL C 151 -8.89 -7.58 11.79
CA VAL C 151 -10.15 -8.12 12.24
C VAL C 151 -11.21 -7.05 12.47
N TRP C 152 -10.84 -5.75 12.49
CA TRP C 152 -11.84 -4.75 12.91
C TRP C 152 -12.99 -4.65 11.90
N HIS C 153 -12.77 -5.04 10.65
CA HIS C 153 -13.87 -5.00 9.71
C HIS C 153 -15.00 -5.94 10.11
N PHE C 154 -14.76 -6.97 10.93
CA PHE C 154 -15.86 -7.82 11.40
C PHE C 154 -16.95 -6.97 12.04
N SER C 155 -16.54 -6.01 12.88
CA SER C 155 -17.51 -5.22 13.63
C SER C 155 -18.16 -4.16 12.74
N PHE C 156 -17.38 -3.49 11.90
CA PHE C 156 -17.91 -2.54 10.93
C PHE C 156 -19.00 -3.17 10.09
N PHE C 157 -18.69 -4.33 9.51
CA PHE C 157 -19.64 -4.98 8.59
C PHE C 157 -20.84 -5.56 9.34
N ALA C 158 -20.67 -5.95 10.61
CA ALA C 158 -21.78 -6.54 11.35
C ALA C 158 -22.63 -5.50 12.07
N ALA C 159 -22.20 -4.23 12.08
CA ALA C 159 -22.91 -3.19 12.81
C ALA C 159 -24.35 -3.04 12.34
N ASP C 160 -25.22 -2.69 13.27
CA ASP C 160 -26.65 -2.55 13.02
C ASP C 160 -26.95 -1.33 12.14
N ASP C 161 -28.23 -1.19 11.79
CA ASP C 161 -28.74 -0.01 11.11
C ASP C 161 -28.09 0.20 9.75
N ARG C 162 -27.67 -0.88 9.09
CA ARG C 162 -27.03 -0.81 7.77
C ARG C 162 -25.90 0.20 7.76
N LEU C 163 -25.13 0.26 8.85
CA LEU C 163 -24.05 1.24 8.94
C LEU C 163 -23.12 1.17 7.74
N ALA C 164 -22.62 -0.03 7.41
CA ALA C 164 -21.59 -0.12 6.38
C ALA C 164 -22.14 0.23 4.99
N GLU C 165 -23.32 -0.29 4.63
CA GLU C 165 -23.89 0.07 3.32
C GLU C 165 -24.14 1.56 3.24
N THR C 166 -24.64 2.16 4.32
CA THR C 166 -24.98 3.58 4.28
C THR C 166 -23.72 4.43 4.09
N LEU C 167 -22.61 4.06 4.73
CA LEU C 167 -21.40 4.85 4.54
C LEU C 167 -20.71 4.54 3.23
N ILE C 168 -20.74 3.28 2.77
CA ILE C 168 -19.95 2.92 1.60
C ILE C 168 -20.68 3.14 0.26
N ALA C 169 -22.01 3.15 0.25
CA ALA C 169 -22.74 3.40 -0.99
C ALA C 169 -22.25 4.68 -1.66
N GLY C 170 -21.99 4.60 -2.97
CA GLY C 170 -21.43 5.71 -3.71
C GLY C 170 -19.92 5.85 -3.62
N LYS C 171 -19.27 5.14 -2.69
CA LYS C 171 -17.83 5.20 -2.52
C LYS C 171 -17.24 3.80 -2.55
N GLU C 172 -17.88 2.90 -3.31
CA GLU C 172 -17.48 1.49 -3.29
C GLU C 172 -16.08 1.32 -3.86
N ARG C 173 -15.76 2.04 -4.93
CA ARG C 173 -14.46 1.87 -5.56
C ARG C 173 -13.33 2.39 -4.66
N PHE C 174 -13.57 3.51 -3.99
CA PHE C 174 -12.62 4.00 -3.00
C PHE C 174 -12.41 2.98 -1.89
N PHE C 175 -13.51 2.47 -1.34
CA PHE C 175 -13.38 1.59 -0.18
C PHE C 175 -12.70 0.29 -0.55
N LEU C 176 -13.02 -0.27 -1.71
CA LEU C 176 -12.44 -1.54 -2.12
C LEU C 176 -10.94 -1.43 -2.33
N GLU C 177 -10.46 -0.37 -2.98
CA GLU C 177 -9.03 -0.20 -3.13
C GLU C 177 -8.36 -0.11 -1.76
N HIS C 178 -8.96 0.61 -0.83
CA HIS C 178 -8.38 0.74 0.49
C HIS C 178 -8.29 -0.61 1.21
N PHE C 179 -9.39 -1.36 1.27
CA PHE C 179 -9.32 -2.58 2.08
C PHE C 179 -8.54 -3.68 1.39
N ILE C 180 -8.53 -3.75 0.07
CA ILE C 180 -7.66 -4.73 -0.57
C ILE C 180 -6.20 -4.38 -0.31
N LYS C 181 -5.80 -3.14 -0.57
CA LYS C 181 -4.39 -2.81 -0.40
C LYS C 181 -3.94 -2.87 1.06
N SER C 182 -4.83 -2.51 1.99
CA SER C 182 -4.43 -2.56 3.40
C SER C 182 -4.24 -3.99 3.91
N HIS C 183 -4.80 -4.98 3.22
CA HIS C 183 -4.63 -6.38 3.56
C HIS C 183 -3.64 -7.08 2.62
N ALA C 184 -2.83 -6.32 1.88
CA ALA C 184 -1.90 -6.91 0.92
C ALA C 184 -0.46 -6.59 1.31
N SER C 185 0.45 -7.47 0.87
N SER C 185 0.44 -7.46 0.87
CA SER C 185 1.89 -7.23 0.89
CA SER C 185 1.87 -7.20 0.88
C SER C 185 2.37 -6.73 -0.46
C SER C 185 2.36 -6.72 -0.47
N ASN C 186 2.02 -7.46 -1.52
CA ASN C 186 2.38 -7.07 -2.89
C ASN C 186 1.23 -6.25 -3.48
N THR C 187 1.13 -5.00 -3.03
CA THR C 187 0.03 -4.15 -3.47
C THR C 187 0.08 -3.87 -4.96
N GLU C 188 1.24 -3.99 -5.59
CA GLU C 188 1.36 -3.55 -6.98
C GLU C 188 0.56 -4.42 -7.95
N VAL C 189 0.12 -5.61 -7.54
CA VAL C 189 -0.68 -6.39 -8.47
C VAL C 189 -2.10 -5.88 -8.60
N PHE C 190 -2.53 -4.94 -7.74
CA PHE C 190 -3.88 -4.40 -7.80
C PHE C 190 -3.90 -3.10 -8.60
N SER C 191 -3.79 -3.28 -9.92
CA SER C 191 -3.91 -2.19 -10.87
C SER C 191 -5.28 -1.54 -10.75
N GLU C 192 -5.34 -0.28 -11.19
CA GLU C 192 -6.63 0.42 -11.21
C GLU C 192 -7.63 -0.34 -12.05
N ARG C 193 -7.16 -0.99 -13.13
CA ARG C 193 -8.05 -1.74 -14.01
C ARG C 193 -8.68 -2.93 -13.29
N LEU C 194 -7.87 -3.68 -12.53
CA LEU C 194 -8.42 -4.82 -11.81
C LEU C 194 -9.35 -4.37 -10.69
N LEU C 195 -8.97 -3.32 -9.95
CA LEU C 195 -9.84 -2.79 -8.89
C LEU C 195 -11.17 -2.31 -9.46
N ASP C 196 -11.15 -1.68 -10.64
CA ASP C 196 -12.39 -1.27 -11.30
C ASP C 196 -13.32 -2.46 -11.49
N LEU C 197 -12.80 -3.57 -11.98
CA LEU C 197 -13.63 -4.75 -12.21
C LEU C 197 -14.28 -5.24 -10.92
N TYR C 198 -13.50 -5.41 -9.87
CA TYR C 198 -14.08 -5.87 -8.60
C TYR C 198 -15.07 -4.86 -8.03
N ALA C 199 -14.73 -3.58 -8.08
CA ALA C 199 -15.62 -2.58 -7.48
C ALA C 199 -16.97 -2.56 -8.19
N ARG C 200 -16.95 -2.65 -9.53
CA ARG C 200 -18.20 -2.61 -10.29
C ARG C 200 -19.14 -3.73 -9.88
N SER C 201 -18.60 -4.91 -9.59
CA SER C 201 -19.45 -6.03 -9.21
C SER C 201 -20.04 -5.83 -7.82
N TYR C 202 -19.21 -5.48 -6.83
CA TYR C 202 -19.80 -5.46 -5.50
C TYR C 202 -20.55 -4.16 -5.22
N ALA C 203 -20.51 -3.19 -6.13
CA ALA C 203 -21.32 -2.00 -5.98
C ALA C 203 -22.79 -2.21 -6.33
N LYS C 204 -23.14 -3.31 -6.99
CA LYS C 204 -24.56 -3.63 -7.15
C LYS C 204 -25.20 -3.60 -5.76
N PRO C 205 -26.31 -2.87 -5.58
CA PRO C 205 -26.85 -2.72 -4.22
C PRO C 205 -27.07 -4.02 -3.49
N HIS C 206 -27.62 -5.06 -4.15
CA HIS C 206 -27.84 -6.32 -3.45
C HIS C 206 -26.53 -7.05 -3.13
N SER C 207 -25.46 -6.79 -3.89
CA SER C 207 -24.17 -7.42 -3.61
C SER C 207 -23.46 -6.70 -2.46
N LEU C 208 -23.59 -5.38 -2.40
CA LEU C 208 -23.03 -4.65 -1.28
C LEU C 208 -23.68 -5.12 0.02
N ASN C 209 -25.01 -5.24 0.01
CA ASN C 209 -25.70 -5.71 1.21
C ASN C 209 -25.36 -7.16 1.51
N ALA C 210 -25.41 -8.02 0.50
CA ALA C 210 -25.05 -9.43 0.70
C ALA C 210 -23.68 -9.56 1.35
N SER C 211 -22.68 -8.80 0.86
CA SER C 211 -21.34 -8.82 1.43
C SER C 211 -21.38 -8.72 2.95
N PHE C 212 -22.15 -7.75 3.45
CA PHE C 212 -22.14 -7.52 4.88
C PHE C 212 -23.02 -8.51 5.64
N GLU C 213 -24.03 -9.09 4.98
CA GLU C 213 -24.87 -10.06 5.69
C GLU C 213 -24.09 -11.29 6.13
N TYR C 214 -23.01 -11.64 5.40
CA TYR C 214 -22.15 -12.74 5.84
C TYR C 214 -21.56 -12.46 7.21
N TYR C 215 -21.23 -11.21 7.49
CA TYR C 215 -20.66 -10.85 8.78
C TYR C 215 -21.75 -10.70 9.84
N ARG C 216 -22.94 -10.26 9.43
CA ARG C 216 -24.07 -10.18 10.35
C ARG C 216 -24.51 -11.57 10.82
N ALA C 217 -24.18 -12.61 10.09
CA ALA C 217 -24.49 -13.99 10.48
C ALA C 217 -23.30 -14.69 11.14
N LEU C 218 -22.19 -13.98 11.32
CA LEU C 218 -20.97 -14.63 11.83
C LEU C 218 -21.19 -15.27 13.21
N ASN C 219 -21.88 -14.57 14.11
CA ASN C 219 -22.12 -15.14 15.44
C ASN C 219 -22.95 -16.41 15.35
N GLU C 220 -23.96 -16.41 14.49
CA GLU C 220 -24.74 -17.62 14.24
C GLU C 220 -23.87 -18.73 13.69
N SER C 221 -22.99 -18.40 12.74
CA SER C 221 -22.07 -19.39 12.19
C SER C 221 -21.16 -19.97 13.27
N VAL C 222 -20.67 -19.12 14.19
CA VAL C 222 -19.90 -19.60 15.33
C VAL C 222 -20.71 -20.60 16.15
N ARG C 223 -21.99 -20.25 16.43
CA ARG C 223 -22.83 -21.14 17.23
C ARG C 223 -23.05 -22.46 16.50
N GLN C 224 -23.23 -22.41 15.18
CA GLN C 224 -23.38 -23.64 14.39
C GLN C 224 -22.12 -24.50 14.48
N ASN C 225 -20.95 -23.88 14.35
CA ASN C 225 -19.72 -24.66 14.27
C ASN C 225 -19.33 -25.26 15.61
N ALA C 226 -19.84 -24.72 16.72
CA ALA C 226 -19.58 -25.30 18.02
C ALA C 226 -20.15 -26.71 18.12
N GLU C 227 -21.25 -26.97 17.41
CA GLU C 227 -21.81 -28.32 17.36
C GLU C 227 -21.13 -29.17 16.30
N LEU C 228 -20.89 -28.61 15.11
CA LEU C 228 -20.34 -29.40 14.02
C LEU C 228 -18.91 -29.87 14.33
N ALA C 229 -18.14 -29.06 15.04
CA ALA C 229 -16.72 -29.36 15.25
C ALA C 229 -16.49 -30.52 16.21
N LYS C 230 -17.54 -31.10 16.80
CA LYS C 230 -17.38 -32.27 17.64
C LYS C 230 -16.91 -33.49 16.88
N THR C 231 -16.83 -33.42 15.54
CA THR C 231 -16.23 -34.46 14.74
C THR C 231 -15.16 -33.82 13.85
N ARG C 232 -13.94 -34.34 13.91
CA ARG C 232 -12.85 -33.78 13.12
C ARG C 232 -12.96 -34.19 11.66
N LEU C 233 -12.41 -33.34 10.79
CA LEU C 233 -12.30 -33.66 9.37
C LEU C 233 -11.25 -34.75 9.14
N GLN C 234 -11.60 -35.74 8.30
CA GLN C 234 -10.75 -36.90 8.08
C GLN C 234 -10.03 -36.89 6.74
N MET C 235 -10.40 -36.01 5.80
CA MET C 235 -9.78 -36.08 4.48
C MET C 235 -8.51 -35.26 4.45
N PRO C 236 -7.60 -35.52 3.49
CA PRO C 236 -6.36 -34.74 3.43
C PRO C 236 -6.65 -33.26 3.20
N THR C 237 -6.03 -32.41 4.03
CA THR C 237 -6.25 -30.98 4.03
C THR C 237 -4.91 -30.26 3.90
N MET C 238 -4.92 -29.13 3.19
CA MET C 238 -3.78 -28.22 3.14
C MET C 238 -4.27 -26.82 3.46
N THR C 239 -3.52 -26.09 4.29
CA THR C 239 -3.81 -24.69 4.54
C THR C 239 -2.71 -23.84 3.93
N LEU C 240 -3.09 -22.68 3.41
CA LEU C 240 -2.14 -21.68 2.97
C LEU C 240 -2.44 -20.37 3.69
N ALA C 241 -1.38 -19.62 4.00
CA ALA C 241 -1.54 -18.30 4.58
C ALA C 241 -0.38 -17.45 4.09
N GLY C 242 -0.62 -16.13 4.00
CA GLY C 242 0.47 -15.21 3.74
C GLY C 242 1.30 -14.96 4.99
N GLY C 243 2.59 -14.74 4.78
CA GLY C 243 3.49 -14.38 5.86
C GLY C 243 3.74 -12.89 5.94
N GLY C 244 3.27 -12.15 4.94
CA GLY C 244 3.46 -10.71 4.89
C GLY C 244 2.30 -9.93 5.47
N HIS C 245 2.31 -8.61 5.20
CA HIS C 245 1.25 -7.72 5.64
C HIS C 245 -0.10 -8.18 5.14
N GLY C 246 -1.05 -8.35 6.06
CA GLY C 246 -2.34 -8.91 5.76
C GLY C 246 -2.43 -10.42 5.90
N GLY C 247 -1.30 -11.09 6.06
CA GLY C 247 -1.30 -12.54 6.13
C GLY C 247 -1.66 -13.04 7.52
N MET C 248 -2.22 -14.24 7.57
CA MET C 248 -2.55 -14.83 8.86
C MET C 248 -1.39 -15.62 9.47
N GLY C 249 -0.29 -15.80 8.74
CA GLY C 249 0.85 -16.47 9.34
C GLY C 249 0.51 -17.85 9.85
N THR C 250 1.06 -18.21 11.01
CA THR C 250 0.91 -19.57 11.52
C THR C 250 -0.50 -19.87 12.02
N PHE C 251 -1.37 -18.86 12.18
CA PHE C 251 -2.69 -19.13 12.76
C PHE C 251 -3.48 -20.10 11.91
N GLN C 252 -3.39 -19.97 10.59
CA GLN C 252 -4.21 -20.79 9.71
C GLN C 252 -4.00 -22.27 10.00
N LEU C 253 -2.73 -22.72 9.99
CA LEU C 253 -2.44 -24.12 10.24
C LEU C 253 -2.75 -24.50 11.69
N GLU C 254 -2.40 -23.64 12.63
CA GLU C 254 -2.57 -24.01 14.03
C GLU C 254 -4.04 -24.21 14.38
N GLN C 255 -4.93 -23.37 13.84
CA GLN C 255 -6.36 -23.57 14.06
C GLN C 255 -6.85 -24.83 13.37
N MET C 256 -6.41 -25.06 12.12
CA MET C 256 -6.89 -26.21 11.37
C MET C 256 -6.53 -27.53 12.05
N LYS C 257 -5.39 -27.59 12.75
CA LYS C 257 -5.02 -28.81 13.47
C LYS C 257 -6.10 -29.21 14.47
N ALA C 258 -6.79 -28.23 15.08
CA ALA C 258 -7.89 -28.54 15.97
C ALA C 258 -9.10 -29.09 15.24
N TYR C 259 -9.17 -28.94 13.91
CA TYR C 259 -10.32 -29.36 13.12
C TYR C 259 -10.06 -30.58 12.25
N ALA C 260 -8.81 -30.92 11.97
CA ALA C 260 -8.51 -31.91 10.94
C ALA C 260 -7.44 -32.88 11.42
N GLU C 261 -7.61 -34.17 11.08
CA GLU C 261 -6.64 -35.18 11.46
C GLU C 261 -5.41 -35.18 10.55
N ASP C 262 -5.58 -34.80 9.29
CA ASP C 262 -4.53 -34.93 8.27
C ASP C 262 -4.39 -33.55 7.61
N VAL C 263 -3.42 -32.75 8.05
CA VAL C 263 -3.31 -31.38 7.56
C VAL C 263 -1.85 -30.99 7.42
N GLU C 264 -1.52 -30.37 6.31
CA GLU C 264 -0.22 -29.73 6.13
C GLU C 264 -0.46 -28.26 5.83
N GLY C 265 0.45 -27.41 6.27
CA GLY C 265 0.28 -25.98 6.15
C GLY C 265 1.51 -25.30 5.59
N HIS C 266 1.26 -24.21 4.88
CA HIS C 266 2.31 -23.40 4.30
C HIS C 266 2.04 -21.93 4.59
N VAL C 267 3.10 -21.20 4.90
CA VAL C 267 3.05 -19.75 5.03
C VAL C 267 3.91 -19.19 3.91
N LEU C 268 3.31 -18.34 3.07
CA LEU C 268 4.00 -17.83 1.89
C LEU C 268 4.64 -16.49 2.21
N PRO C 269 5.97 -16.38 2.20
CA PRO C 269 6.59 -15.12 2.62
C PRO C 269 6.40 -14.02 1.59
N GLY C 270 6.31 -12.78 2.09
CA GLY C 270 6.14 -11.66 1.20
C GLY C 270 4.78 -11.60 0.54
N CYS C 271 3.81 -12.32 1.09
CA CYS C 271 2.46 -12.42 0.55
C CYS C 271 1.48 -12.07 1.65
N GLY C 272 0.46 -11.31 1.30
CA GLY C 272 -0.57 -10.95 2.27
C GLY C 272 -1.81 -11.81 2.17
N HIS C 273 -2.96 -11.15 2.13
CA HIS C 273 -4.22 -11.87 2.16
C HIS C 273 -4.60 -12.45 0.79
N TRP C 274 -4.26 -11.75 -0.29
CA TRP C 274 -4.83 -12.03 -1.61
C TRP C 274 -3.91 -12.97 -2.39
N LEU C 275 -3.76 -14.19 -1.87
CA LEU C 275 -2.73 -15.11 -2.35
C LEU C 275 -2.82 -15.39 -3.85
N PRO C 276 -3.98 -15.64 -4.45
CA PRO C 276 -3.98 -15.98 -5.89
C PRO C 276 -3.44 -14.87 -6.78
N GLU C 277 -3.54 -13.62 -6.35
CA GLU C 277 -3.08 -12.48 -7.15
C GLU C 277 -1.71 -11.98 -6.71
N GLU C 278 -1.44 -11.97 -5.41
CA GLU C 278 -0.16 -11.48 -4.90
C GLU C 278 0.97 -12.46 -5.15
N CYS C 279 0.68 -13.76 -5.07
CA CYS C 279 1.73 -14.77 -5.11
C CYS C 279 1.23 -15.95 -5.96
N ALA C 280 0.88 -15.65 -7.21
CA ALA C 280 0.24 -16.62 -8.09
C ALA C 280 1.12 -17.83 -8.34
N ALA C 281 2.40 -17.61 -8.67
CA ALA C 281 3.24 -18.76 -9.03
C ALA C 281 3.36 -19.75 -7.87
N PRO C 282 3.77 -19.36 -6.66
CA PRO C 282 3.90 -20.37 -5.61
C PRO C 282 2.58 -20.90 -5.11
N MET C 283 1.54 -20.05 -5.04
CA MET C 283 0.24 -20.54 -4.57
C MET C 283 -0.34 -21.56 -5.56
N ASN C 284 -0.31 -21.23 -6.85
CA ASN C 284 -0.85 -22.16 -7.85
C ASN C 284 -0.11 -23.49 -7.80
N ARG C 285 1.22 -23.43 -7.70
CA ARG C 285 2.02 -24.64 -7.61
C ARG C 285 1.61 -25.49 -6.41
N LEU C 286 1.46 -24.86 -5.25
CA LEU C 286 1.11 -25.60 -4.04
C LEU C 286 -0.23 -26.29 -4.20
N VAL C 287 -1.20 -25.60 -4.78
CA VAL C 287 -2.56 -26.16 -4.90
C VAL C 287 -2.57 -27.31 -5.91
N ILE C 288 -1.93 -27.09 -7.06
CA ILE C 288 -1.93 -28.12 -8.12
C ILE C 288 -1.25 -29.38 -7.63
N ASP C 289 -0.09 -29.24 -7.00
CA ASP C 289 0.63 -30.40 -6.50
C ASP C 289 -0.20 -31.16 -5.47
N PHE C 290 -0.83 -30.42 -4.55
CA PHE C 290 -1.59 -31.07 -3.48
C PHE C 290 -2.79 -31.83 -4.03
N LEU C 291 -3.50 -31.24 -4.98
CA LEU C 291 -4.65 -31.89 -5.58
C LEU C 291 -4.24 -33.01 -6.54
N SER C 292 -3.03 -32.95 -7.08
CA SER C 292 -2.60 -34.00 -8.02
C SER C 292 -2.02 -35.22 -7.33
N ARG C 293 -1.93 -35.23 -5.99
CA ARG C 293 -1.50 -36.43 -5.27
C ARG C 293 -2.50 -37.57 -5.45
N ALA D 1 -21.02 33.83 16.05
CA ALA D 1 -21.92 32.68 16.00
C ALA D 1 -21.42 31.56 16.91
N GLU D 2 -22.22 31.23 17.92
CA GLU D 2 -21.91 30.15 18.84
C GLU D 2 -22.49 28.85 18.33
N GLU D 3 -21.70 27.78 18.38
CA GLU D 3 -22.20 26.47 17.98
C GLU D 3 -23.17 25.91 19.02
N PHE D 4 -23.00 26.27 20.28
CA PHE D 4 -23.86 25.75 21.35
C PHE D 4 -24.25 26.87 22.28
N PRO D 5 -25.44 26.81 22.88
CA PRO D 5 -25.89 27.91 23.76
C PRO D 5 -25.07 27.97 25.05
N VAL D 6 -24.64 29.17 25.39
CA VAL D 6 -23.83 29.41 26.59
C VAL D 6 -24.76 29.56 27.79
N PRO D 7 -24.48 28.93 28.93
CA PRO D 7 -25.33 29.10 30.11
C PRO D 7 -25.20 30.50 30.70
N ASN D 8 -26.26 30.93 31.38
CA ASN D 8 -26.25 32.23 32.04
C ASN D 8 -25.14 32.28 33.07
N GLY D 9 -24.46 33.43 33.12
CA GLY D 9 -23.31 33.61 33.99
C GLY D 9 -21.99 33.15 33.41
N PHE D 10 -21.98 32.61 32.19
CA PHE D 10 -20.77 32.14 31.55
C PHE D 10 -20.49 32.98 30.31
N GLU D 11 -19.21 33.03 29.92
CA GLU D 11 -18.82 33.72 28.70
C GLU D 11 -18.08 32.76 27.78
N SER D 12 -18.36 32.88 26.48
CA SER D 12 -17.60 32.19 25.45
C SER D 12 -16.47 33.10 25.00
N ALA D 13 -15.24 32.59 25.02
CA ALA D 13 -14.07 33.44 24.81
C ALA D 13 -12.96 32.65 24.13
N TYR D 14 -11.88 33.35 23.77
CA TYR D 14 -10.75 32.74 23.09
C TYR D 14 -9.44 33.20 23.69
N ARG D 15 -8.44 32.31 23.71
CA ARG D 15 -7.08 32.66 24.07
CA ARG D 15 -7.08 32.67 24.06
C ARG D 15 -6.12 32.04 23.07
N GLU D 16 -5.09 32.79 22.68
CA GLU D 16 -4.04 32.25 21.85
C GLU D 16 -3.04 31.52 22.75
N VAL D 17 -2.75 30.26 22.42
CA VAL D 17 -1.78 29.45 23.16
C VAL D 17 -0.82 28.84 22.15
N ASP D 18 0.45 29.24 22.22
CA ASP D 18 1.46 28.76 21.27
C ASP D 18 0.98 28.91 19.83
N GLY D 19 0.39 30.07 19.52
CA GLY D 19 -0.03 30.36 18.16
C GLY D 19 -1.28 29.66 17.71
N VAL D 20 -2.04 29.06 18.62
CA VAL D 20 -3.28 28.35 18.33
C VAL D 20 -4.38 29.03 19.12
N LYS D 21 -5.45 29.44 18.42
CA LYS D 21 -6.55 30.15 19.05
C LYS D 21 -7.55 29.15 19.60
N LEU D 22 -7.59 29.01 20.92
CA LEU D 22 -8.43 28.03 21.60
C LEU D 22 -9.72 28.69 22.07
N HIS D 23 -10.82 27.99 21.89
CA HIS D 23 -12.13 28.42 22.38
C HIS D 23 -12.42 27.78 23.73
N TYR D 24 -13.04 28.53 24.63
CA TYR D 24 -13.51 27.95 25.89
C TYR D 24 -14.76 28.69 26.36
N VAL D 25 -15.44 28.09 27.32
CA VAL D 25 -16.55 28.71 28.05
C VAL D 25 -16.17 28.73 29.52
N LYS D 26 -16.33 29.89 30.16
CA LYS D 26 -15.79 30.14 31.49
C LYS D 26 -16.81 30.86 32.36
N GLY D 27 -16.85 30.48 33.63
CA GLY D 27 -17.69 31.17 34.60
C GLY D 27 -17.30 30.78 36.00
N GLY D 28 -17.89 31.49 36.96
CA GLY D 28 -17.68 31.15 38.36
C GLY D 28 -16.54 31.93 38.97
N GLN D 29 -16.35 31.69 40.28
CA GLN D 29 -15.30 32.31 41.06
C GLN D 29 -14.70 31.26 41.98
N GLY D 30 -13.43 31.44 42.32
CA GLY D 30 -12.74 30.51 43.20
C GLY D 30 -11.65 29.74 42.46
N PRO D 31 -11.14 28.68 43.09
CA PRO D 31 -10.09 27.87 42.42
C PRO D 31 -10.57 27.33 41.09
N LEU D 32 -9.62 27.08 40.19
CA LEU D 32 -9.96 26.70 38.82
C LEU D 32 -10.24 25.21 38.70
N VAL D 33 -11.30 24.86 37.96
CA VAL D 33 -11.53 23.51 37.48
C VAL D 33 -11.63 23.55 35.96
N MET D 34 -10.83 22.74 35.28
CA MET D 34 -10.89 22.64 33.82
C MET D 34 -11.57 21.32 33.45
N LEU D 35 -12.56 21.39 32.57
CA LEU D 35 -13.31 20.24 32.10
C LEU D 35 -13.00 20.01 30.63
N VAL D 36 -12.58 18.80 30.27
CA VAL D 36 -12.06 18.52 28.94
C VAL D 36 -12.91 17.42 28.29
N HIS D 37 -13.56 17.76 27.19
CA HIS D 37 -14.50 16.90 26.50
C HIS D 37 -13.78 15.84 25.67
N GLY D 38 -14.57 14.99 25.02
CA GLY D 38 -14.01 13.93 24.19
C GLY D 38 -14.57 13.86 22.77
N PHE D 39 -14.38 12.71 22.14
CA PHE D 39 -14.72 12.56 20.72
C PHE D 39 -16.22 12.69 20.47
N GLY D 40 -16.57 13.34 19.37
CA GLY D 40 -17.96 13.52 18.99
C GLY D 40 -18.63 14.68 19.67
N GLN D 41 -17.96 15.31 20.63
CA GLN D 41 -18.59 16.36 21.41
C GLN D 41 -17.70 17.58 21.49
N THR D 42 -18.09 18.52 22.35
CA THR D 42 -17.42 19.80 22.53
C THR D 42 -17.51 20.13 24.00
N TRP D 43 -17.13 21.38 24.35
CA TRP D 43 -17.31 21.86 25.70
C TRP D 43 -18.74 21.65 26.20
N TYR D 44 -19.71 21.62 25.28
CA TYR D 44 -21.12 21.67 25.65
C TYR D 44 -21.56 20.43 26.44
N GLU D 45 -20.85 19.31 26.34
CA GLU D 45 -21.27 18.16 27.14
C GLU D 45 -21.23 18.47 28.63
N TRP D 46 -20.45 19.48 29.04
CA TRP D 46 -20.35 19.86 30.43
C TRP D 46 -21.37 20.93 30.85
N HIS D 47 -22.30 21.31 29.97
CA HIS D 47 -23.08 22.52 30.25
C HIS D 47 -24.03 22.34 31.43
N GLN D 48 -24.34 21.11 31.82
CA GLN D 48 -25.19 20.90 32.98
C GLN D 48 -24.39 20.91 34.27
N LEU D 49 -23.17 20.37 34.24
CA LEU D 49 -22.29 20.37 35.40
C LEU D 49 -21.76 21.77 35.70
N MET D 50 -21.53 22.57 34.66
CA MET D 50 -20.83 23.83 34.82
C MET D 50 -21.51 24.80 35.79
N PRO D 51 -22.81 25.07 35.71
CA PRO D 51 -23.41 26.02 36.66
C PRO D 51 -23.37 25.52 38.10
N GLU D 52 -23.43 24.21 38.32
CA GLU D 52 -23.30 23.69 39.67
C GLU D 52 -21.89 23.90 40.21
N LEU D 53 -20.87 23.54 39.42
CA LEU D 53 -19.50 23.76 39.85
C LEU D 53 -19.20 25.23 40.04
N ALA D 54 -19.79 26.09 39.20
CA ALA D 54 -19.51 27.53 39.29
C ALA D 54 -19.94 28.14 40.63
N LYS D 55 -20.70 27.40 41.44
CA LYS D 55 -21.07 27.89 42.76
C LYS D 55 -19.86 27.96 43.71
N ARG D 56 -18.85 27.12 43.48
CA ARG D 56 -17.69 27.04 44.35
C ARG D 56 -16.35 27.20 43.64
N PHE D 57 -16.33 27.17 42.31
CA PHE D 57 -15.08 27.15 41.57
C PHE D 57 -15.18 28.09 40.36
N THR D 58 -14.02 28.51 39.87
CA THR D 58 -13.93 29.04 38.52
C THR D 58 -13.88 27.86 37.58
N VAL D 59 -14.76 27.85 36.57
CA VAL D 59 -14.91 26.70 35.69
C VAL D 59 -14.54 27.10 34.27
N ILE D 60 -13.66 26.33 33.63
CA ILE D 60 -13.31 26.55 32.24
C ILE D 60 -13.48 25.24 31.47
N ALA D 61 -14.13 25.32 30.32
CA ALA D 61 -14.39 24.15 29.46
C ALA D 61 -13.91 24.49 28.06
N PRO D 62 -12.71 24.06 27.68
CA PRO D 62 -12.19 24.36 26.34
C PRO D 62 -12.71 23.37 25.31
N ASP D 63 -12.72 23.83 24.05
CA ASP D 63 -12.79 22.90 22.93
C ASP D 63 -11.39 22.39 22.62
N LEU D 64 -11.26 21.06 22.45
CA LEU D 64 -9.99 20.46 22.06
C LEU D 64 -9.54 21.06 20.73
N PRO D 65 -8.23 21.16 20.51
CA PRO D 65 -7.73 21.70 19.24
C PRO D 65 -8.36 21.03 18.02
N GLY D 66 -8.81 21.86 17.08
CA GLY D 66 -9.45 21.38 15.88
C GLY D 66 -10.93 21.06 16.02
N LEU D 67 -11.42 20.89 17.25
CA LEU D 67 -12.81 20.56 17.51
C LEU D 67 -13.54 21.80 18.03
N GLY D 68 -14.87 21.74 17.98
CA GLY D 68 -15.70 22.87 18.35
C GLY D 68 -15.25 24.13 17.62
N GLN D 69 -14.95 25.19 18.38
CA GLN D 69 -14.49 26.43 17.78
C GLN D 69 -13.00 26.69 18.02
N SER D 70 -12.22 25.65 18.34
CA SER D 70 -10.79 25.79 18.53
C SER D 70 -10.02 25.50 17.26
N GLU D 71 -8.95 26.25 17.04
CA GLU D 71 -8.10 26.01 15.89
C GLU D 71 -7.36 24.69 16.04
N PRO D 72 -7.01 24.07 14.92
CA PRO D 72 -6.18 22.85 14.98
C PRO D 72 -4.86 23.11 15.65
N PRO D 73 -4.24 22.08 16.23
CA PRO D 73 -2.90 22.26 16.78
C PRO D 73 -1.91 22.53 15.67
N LYS D 74 -0.84 23.23 16.02
CA LYS D 74 0.22 23.49 15.06
C LYS D 74 1.40 22.54 15.23
N THR D 75 1.45 21.80 16.34
CA THR D 75 2.48 20.78 16.53
C THR D 75 1.97 19.42 16.06
N GLY D 76 0.93 18.90 16.70
CA GLY D 76 0.41 17.61 16.32
C GLY D 76 -0.67 17.17 17.30
N TYR D 77 -1.21 15.98 17.04
CA TYR D 77 -2.39 15.48 17.75
C TYR D 77 -2.06 14.40 18.77
N SER D 78 -0.78 14.11 19.02
CA SER D 78 -0.45 13.16 20.07
C SER D 78 -0.78 13.74 21.44
N GLY D 79 -0.94 12.86 22.43
CA GLY D 79 -1.32 13.31 23.76
C GLY D 79 -0.34 14.31 24.35
N GLU D 80 0.97 14.08 24.14
CA GLU D 80 1.96 14.97 24.72
C GLU D 80 1.96 16.34 24.04
N GLN D 81 1.66 16.38 22.75
CA GLN D 81 1.59 17.67 22.06
C GLN D 81 0.33 18.44 22.44
N VAL D 82 -0.82 17.77 22.46
CA VAL D 82 -2.06 18.48 22.75
C VAL D 82 -2.08 18.93 24.21
N ALA D 83 -1.51 18.12 25.11
CA ALA D 83 -1.53 18.44 26.52
C ALA D 83 -0.84 19.77 26.81
N VAL D 84 0.17 20.14 26.01
CA VAL D 84 0.82 21.43 26.19
C VAL D 84 -0.20 22.56 26.07
N TYR D 85 -1.06 22.51 25.04
CA TYR D 85 -2.04 23.58 24.86
C TYR D 85 -2.97 23.69 26.05
N LEU D 86 -3.45 22.55 26.55
CA LEU D 86 -4.40 22.56 27.65
C LEU D 86 -3.74 23.00 28.95
N HIS D 87 -2.50 22.56 29.18
CA HIS D 87 -1.79 22.97 30.39
C HIS D 87 -1.53 24.47 30.39
N LYS D 88 -1.07 25.01 29.24
CA LYS D 88 -0.78 26.43 29.21
C LYS D 88 -2.05 27.27 29.27
N LEU D 89 -3.16 26.77 28.71
CA LEU D 89 -4.43 27.49 28.84
C LEU D 89 -4.84 27.57 30.30
N ALA D 90 -4.80 26.44 31.03
CA ALA D 90 -5.21 26.46 32.43
C ALA D 90 -4.31 27.39 33.24
N ARG D 91 -3.01 27.40 32.95
CA ARG D 91 -2.10 28.23 33.73
C ARG D 91 -2.29 29.71 33.44
N GLN D 92 -2.85 30.08 32.29
CA GLN D 92 -3.20 31.48 32.08
C GLN D 92 -4.20 31.96 33.13
N PHE D 93 -5.09 31.08 33.57
CA PHE D 93 -6.12 31.47 34.51
C PHE D 93 -5.83 31.08 35.95
N SER D 94 -4.92 30.14 36.18
CA SER D 94 -4.55 29.71 37.53
C SER D 94 -3.02 29.64 37.65
N PRO D 95 -2.33 30.78 37.50
CA PRO D 95 -0.87 30.74 37.50
C PRO D 95 -0.26 30.50 38.88
N ASP D 96 -0.99 30.77 39.98
CA ASP D 96 -0.41 30.74 41.31
C ASP D 96 -0.94 29.63 42.22
N ARG D 97 -1.92 28.86 41.76
CA ARG D 97 -2.53 27.76 42.50
C ARG D 97 -2.61 26.53 41.60
N PRO D 98 -2.57 25.33 42.17
CA PRO D 98 -2.94 24.16 41.39
C PRO D 98 -4.42 24.21 41.03
N PHE D 99 -4.77 23.56 39.92
CA PHE D 99 -6.14 23.51 39.46
C PHE D 99 -6.62 22.06 39.38
N ASP D 100 -7.94 21.89 39.39
CA ASP D 100 -8.57 20.60 39.22
C ASP D 100 -8.82 20.32 37.75
N LEU D 101 -8.81 19.04 37.40
CA LEU D 101 -8.99 18.60 36.03
C LEU D 101 -10.01 17.47 35.98
N VAL D 102 -11.02 17.61 35.11
CA VAL D 102 -12.00 16.57 34.83
C VAL D 102 -11.93 16.28 33.33
N ALA D 103 -11.81 15.01 32.96
CA ALA D 103 -11.70 14.69 31.53
C ALA D 103 -12.51 13.44 31.20
N HIS D 104 -13.01 13.42 29.96
CA HIS D 104 -13.90 12.38 29.43
C HIS D 104 -13.37 11.90 28.09
N ASP D 105 -13.33 10.59 27.88
CA ASP D 105 -12.99 10.01 26.57
C ASP D 105 -11.60 10.53 26.17
N ILE D 106 -11.38 11.03 24.94
CA ILE D 106 -10.02 11.40 24.56
C ILE D 106 -9.52 12.65 25.27
N GLY D 107 -10.37 13.32 26.06
CA GLY D 107 -9.86 14.32 26.98
C GLY D 107 -8.82 13.75 27.92
N ILE D 108 -8.95 12.47 28.27
CA ILE D 108 -7.94 11.79 29.07
C ILE D 108 -6.63 11.71 28.30
N TRP D 109 -6.71 11.27 27.03
CA TRP D 109 -5.51 11.12 26.22
C TRP D 109 -4.74 12.42 26.12
N ASN D 110 -5.47 13.51 26.01
CA ASN D 110 -4.93 14.83 25.78
C ASN D 110 -4.56 15.57 27.06
N THR D 111 -4.75 14.95 28.23
CA THR D 111 -4.35 15.62 29.47
C THR D 111 -3.36 14.82 30.31
N TYR D 112 -3.38 13.48 30.23
CA TYR D 112 -2.51 12.68 31.08
C TYR D 112 -1.06 13.13 31.04
N PRO D 113 -0.45 13.43 29.87
CA PRO D 113 0.96 13.83 29.88
C PRO D 113 1.23 15.10 30.69
N MET D 114 0.36 16.10 30.59
CA MET D 114 0.64 17.30 31.36
C MET D 114 0.34 17.12 32.84
N VAL D 115 -0.54 16.19 33.20
CA VAL D 115 -0.74 15.88 34.62
C VAL D 115 0.51 15.24 35.20
N VAL D 116 1.02 14.20 34.55
CA VAL D 116 2.16 13.47 35.11
C VAL D 116 3.40 14.34 35.10
N LYS D 117 3.54 15.25 34.13
CA LYS D 117 4.73 16.07 34.05
C LYS D 117 4.67 17.34 34.89
N ASN D 118 3.49 17.72 35.38
CA ASN D 118 3.29 18.97 36.10
C ASN D 118 2.45 18.73 37.33
N GLN D 119 2.88 17.78 38.16
CA GLN D 119 2.02 17.27 39.23
C GLN D 119 1.69 18.35 40.24
N ALA D 120 2.64 19.24 40.54
CA ALA D 120 2.37 20.32 41.48
C ALA D 120 1.26 21.24 41.00
N ASP D 121 0.95 21.22 39.71
CA ASP D 121 -0.08 22.07 39.13
C ASP D 121 -1.47 21.47 39.20
N ILE D 122 -1.62 20.21 39.61
CA ILE D 122 -2.90 19.52 39.56
C ILE D 122 -3.33 19.21 40.99
N ALA D 123 -4.41 19.85 41.44
CA ALA D 123 -4.88 19.61 42.80
C ALA D 123 -5.60 18.26 42.90
N ARG D 124 -6.69 18.10 42.14
CA ARG D 124 -7.46 16.87 42.12
CA ARG D 124 -7.45 16.86 42.12
C ARG D 124 -7.80 16.51 40.67
N LEU D 125 -7.97 15.22 40.42
CA LEU D 125 -8.11 14.68 39.06
C LEU D 125 -9.33 13.75 38.97
N VAL D 126 -10.15 13.96 37.95
CA VAL D 126 -11.31 13.09 37.70
C VAL D 126 -11.23 12.61 36.25
N TYR D 127 -11.17 11.29 36.06
CA TYR D 127 -11.08 10.72 34.72
C TYR D 127 -12.29 9.81 34.50
N MET D 128 -12.93 9.93 33.34
CA MET D 128 -14.10 9.09 33.09
C MET D 128 -14.12 8.59 31.66
N GLN D 129 -14.36 7.28 31.50
CA GLN D 129 -14.73 6.65 30.24
C GLN D 129 -13.69 6.84 29.14
N ALA D 130 -12.46 6.40 29.42
CA ALA D 130 -11.44 6.16 28.40
C ALA D 130 -10.23 5.51 29.02
N PRO D 131 -9.58 4.57 28.32
CA PRO D 131 -8.29 4.08 28.79
C PRO D 131 -7.25 5.17 28.65
N ILE D 132 -6.38 5.28 29.63
CA ILE D 132 -5.11 5.96 29.35
C ILE D 132 -4.39 5.18 28.26
N PRO D 133 -3.89 5.83 27.20
CA PRO D 133 -3.23 5.07 26.13
C PRO D 133 -2.01 4.31 26.63
N ASP D 134 -2.09 2.99 26.64
CA ASP D 134 -0.95 2.15 26.99
C ASP D 134 -1.21 0.77 26.37
N ALA D 135 -0.31 -0.17 26.68
CA ALA D 135 -0.35 -1.46 26.00
C ALA D 135 -1.63 -2.23 26.28
N ARG D 136 -2.40 -1.84 27.31
CA ARG D 136 -3.66 -2.54 27.59
C ARG D 136 -4.63 -2.44 26.42
N ILE D 137 -4.59 -1.37 25.64
CA ILE D 137 -5.57 -1.22 24.56
C ILE D 137 -5.34 -2.23 23.45
N TYR D 138 -4.16 -2.84 23.39
CA TYR D 138 -3.86 -3.85 22.36
C TYR D 138 -4.50 -5.20 22.65
N ARG D 139 -5.20 -5.32 23.78
CA ARG D 139 -5.94 -6.53 24.14
C ARG D 139 -7.42 -6.47 23.79
N PHE D 140 -7.99 -5.27 23.66
CA PHE D 140 -9.42 -5.12 23.49
C PHE D 140 -9.88 -5.88 22.26
N PRO D 141 -10.88 -6.76 22.36
CA PRO D 141 -11.29 -7.56 21.21
C PRO D 141 -11.98 -6.76 20.12
N ALA D 142 -11.72 -7.17 18.87
CA ALA D 142 -12.28 -6.55 17.69
C ALA D 142 -13.77 -6.82 17.51
N PHE D 143 -14.24 -7.99 17.96
CA PHE D 143 -15.58 -8.48 17.66
C PHE D 143 -16.07 -9.30 18.84
N THR D 144 -17.34 -9.17 19.20
CA THR D 144 -17.87 -9.85 20.38
C THR D 144 -18.98 -10.82 19.99
N ALA D 145 -19.29 -11.75 20.90
CA ALA D 145 -20.35 -12.71 20.68
C ALA D 145 -21.74 -12.07 20.60
N GLN D 146 -21.86 -10.78 20.90
CA GLN D 146 -23.10 -10.04 20.72
C GLN D 146 -23.10 -9.14 19.49
N GLY D 147 -22.01 -9.12 18.72
CA GLY D 147 -21.89 -8.26 17.55
C GLY D 147 -20.75 -7.27 17.71
N GLU D 148 -20.97 -6.06 17.21
CA GLU D 148 -19.90 -5.07 17.16
C GLU D 148 -19.39 -4.73 18.56
N SER D 149 -18.09 -4.51 18.66
CA SER D 149 -17.42 -4.19 19.92
C SER D 149 -17.42 -2.68 20.16
N LEU D 150 -16.96 -2.29 21.35
CA LEU D 150 -16.91 -0.87 21.73
C LEU D 150 -15.65 -0.17 21.24
N VAL D 151 -14.73 -0.89 20.59
CA VAL D 151 -13.38 -0.38 20.36
C VAL D 151 -12.95 -0.48 18.90
N TRP D 152 -13.76 -1.06 18.02
CA TRP D 152 -13.30 -1.17 16.63
C TRP D 152 -13.12 0.20 15.99
N HIS D 153 -13.75 1.24 16.55
CA HIS D 153 -13.57 2.58 16.00
C HIS D 153 -12.13 3.06 16.12
N PHE D 154 -11.33 2.52 17.07
CA PHE D 154 -9.91 2.87 17.11
C PHE D 154 -9.26 2.66 15.75
N SER D 155 -9.53 1.51 15.13
CA SER D 155 -8.88 1.18 13.86
C SER D 155 -9.53 1.89 12.68
N PHE D 156 -10.86 2.04 12.71
CA PHE D 156 -11.56 2.79 11.67
C PHE D 156 -11.03 4.22 11.58
N PHE D 157 -10.89 4.88 12.75
CA PHE D 157 -10.47 6.27 12.77
C PHE D 157 -8.98 6.42 12.49
N ALA D 158 -8.16 5.42 12.88
CA ALA D 158 -6.71 5.50 12.65
C ALA D 158 -6.33 5.13 11.23
N ALA D 159 -7.22 4.51 10.46
CA ALA D 159 -6.89 4.08 9.11
C ALA D 159 -6.44 5.26 8.25
N ASP D 160 -5.55 4.99 7.28
CA ASP D 160 -5.06 6.03 6.40
C ASP D 160 -6.02 6.22 5.23
N ASP D 161 -5.56 6.83 4.13
CA ASP D 161 -6.39 7.19 2.98
C ASP D 161 -7.57 8.08 3.37
N ARG D 162 -7.49 8.76 4.52
CA ARG D 162 -8.64 9.51 5.06
C ARG D 162 -9.90 8.66 5.01
N LEU D 163 -9.77 7.39 5.39
CA LEU D 163 -10.88 6.45 5.26
C LEU D 163 -12.12 6.97 5.95
N ALA D 164 -11.98 7.41 7.20
CA ALA D 164 -13.15 7.84 7.97
C ALA D 164 -13.77 9.11 7.39
N GLU D 165 -12.96 10.14 7.10
CA GLU D 165 -13.52 11.37 6.53
C GLU D 165 -14.24 11.09 5.23
N THR D 166 -13.67 10.23 4.40
CA THR D 166 -14.20 9.99 3.07
C THR D 166 -15.55 9.28 3.16
N LEU D 167 -15.66 8.28 4.05
CA LEU D 167 -16.91 7.54 4.14
C LEU D 167 -17.97 8.30 4.94
N ILE D 168 -17.55 9.14 5.89
CA ILE D 168 -18.54 9.81 6.73
C ILE D 168 -19.04 11.11 6.10
N ALA D 169 -18.26 11.73 5.20
CA ALA D 169 -18.69 12.98 4.56
C ALA D 169 -20.07 12.83 3.91
N GLY D 170 -20.93 13.80 4.17
CA GLY D 170 -22.31 13.73 3.71
C GLY D 170 -23.23 12.87 4.55
N LYS D 171 -22.68 12.13 5.52
CA LYS D 171 -23.43 11.27 6.41
C LYS D 171 -23.04 11.53 7.86
N GLU D 172 -22.62 12.76 8.17
CA GLU D 172 -22.09 13.03 9.50
C GLU D 172 -23.15 12.86 10.59
N ARG D 173 -24.38 13.33 10.31
CA ARG D 173 -25.45 13.24 11.29
C ARG D 173 -25.85 11.79 11.53
N PHE D 174 -26.01 11.03 10.44
CA PHE D 174 -26.28 9.60 10.54
C PHE D 174 -25.21 8.89 11.36
N PHE D 175 -23.94 9.14 11.07
CA PHE D 175 -22.88 8.42 11.76
C PHE D 175 -22.82 8.82 13.23
N LEU D 176 -23.04 10.09 13.54
CA LEU D 176 -22.97 10.53 14.94
C LEU D 176 -24.08 9.91 15.77
N GLU D 177 -25.30 9.88 15.21
CA GLU D 177 -26.38 9.20 15.92
C GLU D 177 -26.03 7.74 16.17
N HIS D 178 -25.36 7.10 15.20
CA HIS D 178 -25.05 5.68 15.35
C HIS D 178 -24.03 5.45 16.46
N PHE D 179 -22.92 6.21 16.48
CA PHE D 179 -21.91 5.89 17.49
C PHE D 179 -22.31 6.40 18.87
N ILE D 180 -23.14 7.44 18.95
CA ILE D 180 -23.67 7.81 20.26
C ILE D 180 -24.53 6.67 20.80
N LYS D 181 -25.47 6.19 19.98
CA LYS D 181 -26.38 5.18 20.51
C LYS D 181 -25.69 3.83 20.70
N SER D 182 -24.67 3.52 19.88
CA SER D 182 -23.95 2.26 20.06
C SER D 182 -23.08 2.26 21.32
N HIS D 183 -22.82 3.43 21.92
CA HIS D 183 -22.06 3.51 23.16
C HIS D 183 -22.91 4.01 24.32
N ALA D 184 -24.22 4.08 24.16
CA ALA D 184 -25.14 4.57 25.18
C ALA D 184 -25.96 3.45 25.81
N SER D 185 -26.33 3.66 27.08
CA SER D 185 -27.44 2.93 27.69
C SER D 185 -28.75 3.70 27.58
N ASN D 186 -28.72 5.00 27.81
CA ASN D 186 -29.89 5.86 27.86
C ASN D 186 -29.85 6.80 26.66
N THR D 187 -30.49 6.39 25.56
CA THR D 187 -30.45 7.23 24.37
C THR D 187 -31.48 8.35 24.41
N GLU D 188 -32.46 8.28 25.30
CA GLU D 188 -33.54 9.26 25.29
C GLU D 188 -33.05 10.65 25.66
N VAL D 189 -31.87 10.76 26.27
CA VAL D 189 -31.33 12.08 26.62
C VAL D 189 -30.81 12.82 25.42
N PHE D 190 -30.70 12.17 24.26
CA PHE D 190 -30.14 12.79 23.06
C PHE D 190 -31.30 13.18 22.14
N SER D 191 -31.76 14.41 22.32
CA SER D 191 -32.79 14.98 21.47
C SER D 191 -32.26 15.15 20.05
N GLU D 192 -33.19 15.26 19.09
CA GLU D 192 -32.79 15.54 17.72
C GLU D 192 -32.03 16.85 17.63
N ARG D 193 -32.43 17.85 18.42
CA ARG D 193 -31.71 19.12 18.43
C ARG D 193 -30.29 18.96 18.93
N LEU D 194 -30.09 18.21 20.01
CA LEU D 194 -28.75 18.01 20.53
C LEU D 194 -27.88 17.28 19.50
N LEU D 195 -28.40 16.21 18.92
CA LEU D 195 -27.66 15.51 17.88
C LEU D 195 -27.32 16.42 16.71
N ASP D 196 -28.28 17.28 16.31
CA ASP D 196 -28.06 18.23 15.23
C ASP D 196 -26.90 19.16 15.56
N LEU D 197 -26.85 19.67 16.80
CA LEU D 197 -25.78 20.58 17.20
C LEU D 197 -24.43 19.89 17.16
N TYR D 198 -24.33 18.69 17.74
CA TYR D 198 -23.06 17.99 17.72
C TYR D 198 -22.65 17.66 16.28
N ALA D 199 -23.60 17.25 15.44
CA ALA D 199 -23.23 16.85 14.08
C ALA D 199 -22.76 18.04 13.27
N ARG D 200 -23.45 19.17 13.40
CA ARG D 200 -23.04 20.39 12.70
C ARG D 200 -21.62 20.78 13.08
N SER D 201 -21.27 20.63 14.36
CA SER D 201 -19.94 21.03 14.79
C SER D 201 -18.86 20.13 14.22
N TYR D 202 -18.99 18.81 14.40
CA TYR D 202 -17.88 17.98 13.97
C TYR D 202 -17.88 17.74 12.46
N ALA D 203 -18.92 18.19 11.75
CA ALA D 203 -18.92 18.05 10.31
C ALA D 203 -18.12 19.15 9.61
N LYS D 204 -17.75 20.23 10.30
CA LYS D 204 -16.80 21.17 9.73
C LYS D 204 -15.60 20.39 9.23
N PRO D 205 -15.17 20.57 7.98
CA PRO D 205 -14.14 19.67 7.43
C PRO D 205 -12.88 19.59 8.26
N HIS D 206 -12.39 20.71 8.83
CA HIS D 206 -11.18 20.61 9.64
C HIS D 206 -11.47 19.91 10.96
N SER D 207 -12.71 19.98 11.45
CA SER D 207 -13.08 19.30 12.70
C SER D 207 -13.29 17.81 12.49
N LEU D 208 -13.86 17.43 11.35
CA LEU D 208 -14.00 16.01 11.04
C LEU D 208 -12.63 15.36 10.92
N ASN D 209 -11.72 16.01 10.21
CA ASN D 209 -10.34 15.51 10.15
C ASN D 209 -9.69 15.51 11.53
N ALA D 210 -9.80 16.61 12.27
CA ALA D 210 -9.19 16.68 13.60
C ALA D 210 -9.62 15.51 14.46
N SER D 211 -10.94 15.20 14.43
CA SER D 211 -11.50 14.09 15.20
C SER D 211 -10.70 12.82 15.02
N PHE D 212 -10.33 12.51 13.78
CA PHE D 212 -9.64 11.25 13.54
C PHE D 212 -8.13 11.36 13.67
N GLU D 213 -7.56 12.56 13.55
CA GLU D 213 -6.12 12.67 13.78
C GLU D 213 -5.75 12.31 15.21
N TYR D 214 -6.66 12.51 16.18
CA TYR D 214 -6.37 12.04 17.53
C TYR D 214 -6.14 10.53 17.55
N TYR D 215 -6.88 9.80 16.71
CA TYR D 215 -6.69 8.35 16.66
C TYR D 215 -5.50 7.97 15.79
N ARG D 216 -5.22 8.73 14.73
CA ARG D 216 -4.02 8.44 13.98
C ARG D 216 -2.74 8.66 14.79
N ALA D 217 -2.82 9.39 15.90
CA ALA D 217 -1.69 9.60 16.80
C ALA D 217 -1.73 8.68 18.02
N LEU D 218 -2.69 7.75 18.09
CA LEU D 218 -2.88 6.97 19.32
C LEU D 218 -1.66 6.09 19.62
N ASN D 219 -1.11 5.41 18.62
CA ASN D 219 0.08 4.60 18.88
C ASN D 219 1.24 5.46 19.32
N GLU D 220 1.38 6.67 18.75
CA GLU D 220 2.42 7.58 19.21
C GLU D 220 2.17 7.98 20.66
N SER D 221 0.91 8.20 21.03
CA SER D 221 0.59 8.51 22.42
C SER D 221 0.93 7.35 23.35
N VAL D 222 0.61 6.12 22.94
CA VAL D 222 0.99 4.94 23.73
C VAL D 222 2.49 4.91 23.96
N ARG D 223 3.28 5.14 22.90
CA ARG D 223 4.73 5.14 23.02
C ARG D 223 5.20 6.25 23.95
N GLN D 224 4.60 7.44 23.84
CA GLN D 224 4.96 8.53 24.74
C GLN D 224 4.67 8.16 26.19
N ASN D 225 3.48 7.60 26.43
CA ASN D 225 3.08 7.29 27.80
C ASN D 225 3.91 6.18 28.42
N ALA D 226 4.53 5.31 27.59
CA ALA D 226 5.37 4.27 28.14
C ALA D 226 6.53 4.87 28.95
N GLU D 227 7.07 5.99 28.48
CA GLU D 227 8.10 6.69 29.26
C GLU D 227 7.49 7.51 30.40
N LEU D 228 6.42 8.25 30.13
CA LEU D 228 5.86 9.13 31.15
C LEU D 228 5.39 8.36 32.39
N ALA D 229 4.88 7.13 32.19
CA ALA D 229 4.27 6.37 33.28
C ALA D 229 5.30 5.82 34.27
N LYS D 230 6.59 6.03 34.04
CA LYS D 230 7.59 5.70 35.06
C LYS D 230 7.36 6.48 36.34
N THR D 231 6.62 7.59 36.27
CA THR D 231 6.31 8.43 37.42
C THR D 231 4.84 8.28 37.79
N ARG D 232 4.59 7.75 38.98
CA ARG D 232 3.24 7.56 39.48
C ARG D 232 2.56 8.91 39.77
N LEU D 233 1.24 8.95 39.61
CA LEU D 233 0.47 10.14 39.97
C LEU D 233 0.22 10.16 41.48
N GLN D 234 0.43 11.33 42.11
CA GLN D 234 0.33 11.47 43.54
C GLN D 234 -0.88 12.26 44.02
N MET D 235 -1.61 12.94 43.14
CA MET D 235 -2.73 13.75 43.59
C MET D 235 -3.98 12.88 43.81
N PRO D 236 -4.91 13.34 44.64
CA PRO D 236 -6.19 12.63 44.78
C PRO D 236 -6.89 12.52 43.43
N THR D 237 -7.30 11.29 43.08
N THR D 237 -7.28 11.29 43.07
CA THR D 237 -7.89 10.98 41.79
CA THR D 237 -7.93 11.04 41.79
C THR D 237 -9.20 10.23 41.99
C THR D 237 -9.21 10.25 42.00
N MET D 238 -10.15 10.44 41.09
CA MET D 238 -11.40 9.69 41.07
C MET D 238 -11.67 9.23 39.64
N THR D 239 -12.03 7.97 39.47
CA THR D 239 -12.47 7.47 38.18
C THR D 239 -13.98 7.24 38.21
N LEU D 240 -14.62 7.47 37.06
CA LEU D 240 -16.02 7.12 36.86
C LEU D 240 -16.14 6.33 35.56
N ALA D 241 -17.07 5.38 35.56
CA ALA D 241 -17.31 4.56 34.39
C ALA D 241 -18.76 4.10 34.42
N GLY D 242 -19.33 3.89 33.24
CA GLY D 242 -20.65 3.33 33.17
C GLY D 242 -20.64 1.83 33.40
N GLY D 243 -21.73 1.32 33.98
CA GLY D 243 -21.89 -0.11 34.18
C GLY D 243 -22.80 -0.74 33.15
N GLY D 244 -23.49 0.08 32.36
CA GLY D 244 -24.42 -0.40 31.36
C GLY D 244 -23.75 -0.55 30.00
N HIS D 245 -24.61 -0.73 28.99
CA HIS D 245 -24.11 -0.84 27.61
C HIS D 245 -23.35 0.42 27.24
N GLY D 246 -22.13 0.24 26.72
CA GLY D 246 -21.22 1.34 26.41
C GLY D 246 -20.26 1.69 27.53
N GLY D 247 -20.46 1.15 28.72
CA GLY D 247 -19.66 1.53 29.86
C GLY D 247 -18.41 0.66 29.97
N MET D 248 -17.36 1.25 30.53
CA MET D 248 -16.12 0.52 30.70
C MET D 248 -16.08 -0.32 31.95
N GLY D 249 -17.06 -0.20 32.84
CA GLY D 249 -17.09 -1.11 33.97
C GLY D 249 -15.87 -0.92 34.85
N THR D 250 -15.35 -2.03 35.39
CA THR D 250 -14.24 -1.98 36.33
C THR D 250 -12.91 -1.60 35.70
N PHE D 251 -12.81 -1.61 34.36
CA PHE D 251 -11.52 -1.34 33.71
C PHE D 251 -10.97 0.03 34.10
N GLN D 252 -11.84 1.04 34.18
CA GLN D 252 -11.37 2.40 34.44
C GLN D 252 -10.60 2.48 35.75
N LEU D 253 -11.21 2.03 36.84
CA LEU D 253 -10.51 2.06 38.13
C LEU D 253 -9.30 1.12 38.12
N GLU D 254 -9.45 -0.08 37.55
CA GLU D 254 -8.35 -1.03 37.65
C GLU D 254 -7.11 -0.54 36.92
N GLN D 255 -7.28 0.06 35.74
CA GLN D 255 -6.12 0.66 35.07
C GLN D 255 -5.55 1.80 35.90
N MET D 256 -6.41 2.68 36.39
CA MET D 256 -5.92 3.85 37.14
C MET D 256 -5.13 3.43 38.38
N LYS D 257 -5.46 2.26 38.98
CA LYS D 257 -4.71 1.82 40.15
C LYS D 257 -3.23 1.64 39.82
N ALA D 258 -2.90 1.31 38.57
CA ALA D 258 -1.50 1.19 38.15
C ALA D 258 -0.83 2.55 37.96
N TYR D 259 -1.61 3.61 37.79
CA TYR D 259 -1.05 4.95 37.53
C TYR D 259 -1.06 5.86 38.75
N ALA D 260 -1.91 5.60 39.75
CA ALA D 260 -2.20 6.58 40.79
C ALA D 260 -2.15 5.93 42.15
N GLU D 261 -1.47 6.61 43.10
CA GLU D 261 -1.36 6.11 44.47
C GLU D 261 -2.64 6.29 45.26
N ASP D 262 -3.41 7.34 44.96
CA ASP D 262 -4.56 7.76 45.75
C ASP D 262 -5.74 7.88 44.80
N VAL D 263 -6.49 6.79 44.62
CA VAL D 263 -7.57 6.77 43.64
C VAL D 263 -8.79 6.08 44.24
N GLU D 264 -9.96 6.66 44.00
CA GLU D 264 -11.24 6.04 44.28
C GLU D 264 -12.01 5.97 42.98
N GLY D 265 -12.87 4.98 42.86
CA GLY D 265 -13.58 4.75 41.62
C GLY D 265 -15.03 4.40 41.87
N HIS D 266 -15.86 4.73 40.88
CA HIS D 266 -17.27 4.34 40.90
C HIS D 266 -17.66 3.83 39.53
N VAL D 267 -18.51 2.81 39.52
CA VAL D 267 -19.19 2.32 38.32
C VAL D 267 -20.66 2.64 38.49
N LEU D 268 -21.25 3.30 37.47
CA LEU D 268 -22.64 3.72 37.57
C LEU D 268 -23.54 2.75 36.85
N PRO D 269 -24.25 1.87 37.54
CA PRO D 269 -25.16 0.94 36.87
C PRO D 269 -26.20 1.70 36.06
N GLY D 270 -26.57 1.14 34.91
CA GLY D 270 -27.61 1.75 34.13
C GLY D 270 -27.15 2.91 33.26
N CYS D 271 -25.84 3.17 33.21
CA CYS D 271 -25.27 4.24 32.42
C CYS D 271 -24.26 3.69 31.42
N GLY D 272 -24.18 4.32 30.26
CA GLY D 272 -23.17 3.93 29.30
C GLY D 272 -21.99 4.87 29.26
N HIS D 273 -21.59 5.25 28.06
CA HIS D 273 -20.37 6.03 27.89
C HIS D 273 -20.56 7.52 28.14
N TRP D 274 -21.73 8.05 27.81
CA TRP D 274 -21.92 9.51 27.75
C TRP D 274 -22.37 10.04 29.11
N LEU D 275 -21.52 9.83 30.12
CA LEU D 275 -21.97 10.02 31.50
C LEU D 275 -22.56 11.39 31.80
N PRO D 276 -21.97 12.51 31.35
CA PRO D 276 -22.56 13.82 31.70
C PRO D 276 -23.96 14.02 31.16
N GLU D 277 -24.34 13.30 30.11
CA GLU D 277 -25.67 13.41 29.54
C GLU D 277 -26.58 12.26 29.92
N GLU D 278 -26.09 11.02 29.84
CA GLU D 278 -26.92 9.86 30.19
C GLU D 278 -27.23 9.79 31.67
N CYS D 279 -26.32 10.26 32.51
CA CYS D 279 -26.45 10.08 33.94
C CYS D 279 -25.98 11.35 34.63
N ALA D 280 -26.53 12.47 34.17
CA ALA D 280 -26.06 13.80 34.58
C ALA D 280 -26.10 13.96 36.09
N ALA D 281 -27.23 13.63 36.72
CA ALA D 281 -27.38 13.98 38.13
C ALA D 281 -26.44 13.20 39.03
N PRO D 282 -26.35 11.86 38.96
CA PRO D 282 -25.36 11.18 39.80
C PRO D 282 -23.93 11.51 39.44
N MET D 283 -23.63 11.68 38.15
CA MET D 283 -22.28 12.03 37.77
C MET D 283 -21.89 13.38 38.35
N ASN D 284 -22.78 14.39 38.22
CA ASN D 284 -22.50 15.71 38.77
C ASN D 284 -22.24 15.63 40.28
N ARG D 285 -23.10 14.90 41.00
CA ARG D 285 -22.94 14.78 42.46
C ARG D 285 -21.57 14.22 42.82
N LEU D 286 -21.17 13.14 42.15
CA LEU D 286 -19.90 12.51 42.50
C LEU D 286 -18.73 13.44 42.23
N VAL D 287 -18.78 14.15 41.11
CA VAL D 287 -17.72 15.10 40.77
C VAL D 287 -17.70 16.25 41.77
N ILE D 288 -18.86 16.85 42.01
CA ILE D 288 -18.92 18.00 42.91
C ILE D 288 -18.42 17.61 44.29
N ASP D 289 -18.89 16.48 44.81
CA ASP D 289 -18.47 16.07 46.15
C ASP D 289 -16.98 15.80 46.21
N PHE D 290 -16.45 15.11 45.20
CA PHE D 290 -15.02 14.79 45.18
C PHE D 290 -14.18 16.07 45.17
N LEU D 291 -14.56 17.05 44.34
CA LEU D 291 -13.78 18.28 44.25
C LEU D 291 -14.02 19.20 45.43
N SER D 292 -15.10 19.01 46.19
CA SER D 292 -15.39 19.92 47.28
C SER D 292 -14.78 19.48 48.61
N ARG D 293 -14.25 18.27 48.71
CA ARG D 293 -13.59 17.81 49.93
C ARG D 293 -12.53 18.80 50.43
C1 7EZ E . 11.87 5.87 -4.17
C2 7EZ E . 12.57 4.91 -3.21
C3 7EZ E . 12.68 5.51 -1.80
C4 7EZ E . 13.73 5.32 -1.02
C5 7EZ E . 14.97 4.50 -1.41
C6 7EZ E . 16.23 5.25 -0.99
C7 7EZ E . 17.45 4.78 -1.81
C8 7EZ E . 17.53 3.26 -1.94
C9 7EZ E . 17.59 2.53 -0.60
C10 7EZ E . 17.26 1.25 -0.46
C11 7EZ E . 16.80 0.32 -1.59
O4 7EZ E . 21.62 -9.29 -4.73
C22 7EZ E . 20.40 -9.03 -4.97
O3 7EZ E . 20.02 -8.83 -6.16
C21 7EZ E . 19.42 -8.92 -3.82
C20 7EZ E . 19.55 -7.55 -3.13
C19 7EZ E . 18.44 -7.37 -2.08
C18 7EZ E . 17.90 -6.18 -1.93
C17 7EZ E . 18.37 -5.04 -2.82
C16 7EZ E . 19.46 -4.26 -2.10
C15 7EZ E . 19.29 -2.98 -1.86
C14 7EZ E . 17.99 -2.30 -2.31
C13 7EZ E . 18.39 -1.00 -3.01
C12 7EZ E . 17.86 0.16 -2.68
O2 7EZ E . 17.36 5.25 -3.13
C1 7EZ F . 10.84 1.97 -23.49
C2 7EZ F . 11.74 1.13 -24.40
C3 7EZ F . 11.03 0.88 -25.73
C4 7EZ F . 10.85 -0.35 -26.25
C5 7EZ F . 11.30 -1.66 -25.61
C6 7EZ F . 10.22 -2.73 -25.84
C7 7EZ F . 10.33 -3.87 -24.80
C8 7EZ F . 11.79 -4.21 -24.47
C9 7EZ F . 12.53 -4.94 -25.60
C10 7EZ F . 13.74 -4.54 -25.98
C11 7EZ F . 14.43 -3.34 -25.34
O4 7EZ F . 22.95 -4.54 -22.37
C22 7EZ F . 21.86 -5.12 -22.12
O3 7EZ F . 21.10 -4.68 -21.22
C21 7EZ F . 21.45 -6.35 -22.93
C20 7EZ F . 20.58 -7.29 -22.08
C19 7EZ F . 19.77 -8.21 -22.99
C18 7EZ F . 18.47 -8.07 -23.10
C17 7EZ F . 17.69 -6.96 -22.37
C16 7EZ F . 16.31 -6.92 -23.02
C15 7EZ F . 15.75 -5.84 -23.51
C14 7EZ F . 16.41 -4.45 -23.44
C13 7EZ F . 16.80 -3.89 -24.82
C12 7EZ F . 15.92 -3.36 -25.65
O2 7EZ F . 9.71 -3.45 -23.60
C1 7EZ G . -11.88 -6.36 4.43
C2 7EZ G . -11.13 -7.66 4.68
C3 7EZ G . -10.96 -8.47 3.40
C4 7EZ G . -10.84 -9.80 3.45
C5 7EZ G . -10.90 -10.58 4.76
C6 7EZ G . -11.91 -11.75 4.59
C7 7EZ G . -12.48 -12.23 5.93
C8 7EZ G . -11.43 -12.42 7.03
C9 7EZ G . -10.27 -13.33 6.60
C10 7EZ G . -9.06 -13.20 7.11
C11 7EZ G . -8.65 -12.17 8.19
O4 7EZ G . -0.25 -11.58 15.49
C22 7EZ G . -1.30 -12.27 15.63
O3 7EZ G . -1.21 -13.53 15.70
C21 7EZ G . -2.66 -11.58 15.74
C20 7EZ G . -3.60 -11.94 14.59
C19 7EZ G . -4.60 -12.99 15.12
C18 7EZ G . -5.39 -13.69 14.34
C17 7EZ G . -5.41 -13.57 12.82
C16 7EZ G . -6.45 -14.58 12.35
C15 7EZ G . -7.39 -14.26 11.50
C14 7EZ G . -7.48 -12.86 10.91
C13 7EZ G . -8.96 -12.60 10.66
C12 7EZ G . -9.48 -12.32 9.47
O2 7EZ G . -13.41 -11.30 6.44
C1 7EZ H . -16.98 6.12 18.77
C2 7EZ H . -17.17 5.98 20.29
C3 7EZ H . -17.24 7.36 20.95
C4 7EZ H . -16.44 7.75 21.94
C5 7EZ H . -15.35 6.85 22.55
C6 7EZ H . -14.11 7.70 22.95
C7 7EZ H . -12.85 6.83 23.00
C8 7EZ H . -13.05 5.44 23.62
C9 7EZ H . -13.44 5.52 25.11
C10 7EZ H . -14.47 4.86 25.60
C11 7EZ H . -15.38 4.00 24.71
O4 7EZ H . -17.71 -4.20 27.96
C22 7EZ H . -16.56 -4.25 27.45
O3 7EZ H . -16.42 -4.71 26.28
C21 7EZ H . -15.34 -3.78 28.24
C20 7EZ H . -14.77 -2.45 27.72
C19 7EZ H . -13.42 -2.14 28.41
C18 7EZ H . -12.54 -1.36 27.82
C17 7EZ H . -12.82 -0.77 26.44
C16 7EZ H . -12.45 0.72 26.45
C15 7EZ H . -13.19 1.62 25.86
C14 7EZ H . -14.48 1.26 25.11
C13 7EZ H . -15.75 1.81 25.79
C12 7EZ H . -16.17 3.05 25.61
O2 7EZ H . -12.39 6.64 21.67
#